data_5QJN
#
_entry.id   5QJN
#
_cell.length_a   49.450
_cell.length_b   59.880
_cell.length_c   79.890
_cell.angle_alpha   79.290
_cell.angle_beta   81.260
_cell.angle_gamma   75.440
#
_symmetry.space_group_name_H-M   'P 1'
#
loop_
_entity.id
_entity.type
_entity.pdbx_description
1 polymer 'ADP-sugar pyrophosphatase'
2 non-polymer 'MAGNESIUM ION'
3 non-polymer 'CHLORIDE ION'
4 non-polymer (2S,3R)-2,3-dimethyl-4-(3-methyl-1,2,4-thiadiazol-5-yl)morpholine
5 non-polymer 1,2-ETHANEDIOL
6 water water
#
_entity_poly.entity_id   1
_entity_poly.type   'polypeptide(L)'
_entity_poly.pdbx_seq_one_letter_code
;SMESQEPTESSQNGKQYIISEELISEGKWVKLEKTTYMDPTGKTRTWESVKRTTRKEQTADGVAVIPVLQRTLHYECIVL
VKQFRPPMGGYCIEFPAGLIDDGETPEAAALRELEEETGYKGDIAECSPAVCMDPGLSNCTIHIVTVTINGDDAENARPK
PKPGDGEFVEVISLPKNDLLQRLDALVAEEHLTVDARVYSYALALKHAN
;
_entity_poly.pdbx_strand_id   A,B,C,D
#
loop_
_chem_comp.id
_chem_comp.type
_chem_comp.name
_chem_comp.formula
CL non-polymer 'CHLORIDE ION' 'Cl -1'
EDO non-polymer 1,2-ETHANEDIOL 'C2 H6 O2'
K1J non-polymer (2S,3R)-2,3-dimethyl-4-(3-methyl-1,2,4-thiadiazol-5-yl)morpholine 'C9 H15 N3 O S'
MG non-polymer 'MAGNESIUM ION' 'Mg 2'
#
# COMPACT_ATOMS: atom_id res chain seq x y z
N LYS A 15 11.99 -44.61 8.19
CA LYS A 15 11.18 -45.40 9.15
C LYS A 15 9.79 -45.77 8.61
N GLN A 16 8.97 -44.78 8.26
CA GLN A 16 7.57 -45.06 7.88
C GLN A 16 7.43 -45.26 6.38
N TYR A 17 6.44 -46.04 6.04
CA TYR A 17 6.19 -46.33 4.60
C TYR A 17 4.81 -46.83 4.43
N ILE A 18 4.40 -46.80 3.17
CA ILE A 18 3.09 -47.19 2.77
C ILE A 18 3.13 -48.71 2.66
N ILE A 19 2.11 -49.36 3.23
CA ILE A 19 1.84 -50.79 3.01
C ILE A 19 0.86 -51.09 1.88
N SER A 20 -0.27 -50.39 1.85
CA SER A 20 -1.22 -50.59 0.78
C SER A 20 -2.11 -49.35 0.60
N GLU A 21 -2.74 -49.27 -0.57
CA GLU A 21 -3.65 -48.15 -0.91
C GLU A 21 -4.89 -48.77 -1.58
N GLU A 22 -6.01 -48.75 -0.91
CA GLU A 22 -7.24 -49.39 -1.36
C GLU A 22 -8.20 -48.31 -1.79
N LEU A 23 -8.72 -48.43 -3.03
CA LEU A 23 -9.69 -47.45 -3.53
C LEU A 23 -10.99 -47.56 -2.73
N ILE A 24 -11.47 -46.45 -2.21
CA ILE A 24 -12.82 -46.37 -1.63
C ILE A 24 -13.84 -45.87 -2.66
N SER A 25 -13.52 -44.84 -3.43
CA SER A 25 -14.49 -44.22 -4.37
C SER A 25 -13.78 -43.40 -5.41
N GLU A 26 -14.00 -43.67 -6.69
CA GLU A 26 -13.30 -42.99 -7.75
C GLU A 26 -14.32 -42.20 -8.54
N GLY A 27 -14.15 -40.87 -8.54
CA GLY A 27 -14.89 -40.01 -9.43
C GLY A 27 -14.19 -39.85 -10.76
N LYS A 28 -14.64 -38.87 -11.51
CA LYS A 28 -14.04 -38.54 -12.80
C LYS A 28 -12.76 -37.70 -12.62
N TRP A 29 -12.68 -36.93 -11.53
CA TRP A 29 -11.55 -36.03 -11.24
C TRP A 29 -10.77 -36.30 -9.94
N VAL A 30 -11.42 -36.93 -8.95
CA VAL A 30 -10.87 -37.15 -7.62
C VAL A 30 -11.29 -38.56 -7.11
N LYS A 31 -10.39 -39.21 -6.36
CA LYS A 31 -10.64 -40.45 -5.67
C LYS A 31 -10.25 -40.39 -4.19
N LEU A 32 -10.91 -41.21 -3.39
CA LEU A 32 -10.62 -41.37 -1.99
C LEU A 32 -10.03 -42.77 -1.81
N GLU A 33 -8.97 -42.87 -1.03
CA GLU A 33 -8.27 -44.12 -0.85
C GLU A 33 -8.12 -44.37 0.62
N LYS A 34 -8.10 -45.65 1.00
CA LYS A 34 -7.77 -46.07 2.36
C LYS A 34 -6.30 -46.46 2.37
N THR A 35 -5.50 -45.72 3.14
CA THR A 35 -4.04 -45.90 3.11
C THR A 35 -3.63 -46.66 4.32
N THR A 36 -2.90 -47.76 4.12
CA THR A 36 -2.32 -48.50 5.23
C THR A 36 -0.80 -48.26 5.19
N TYR A 37 -0.29 -47.84 6.33
CA TYR A 37 1.15 -47.55 6.48
C TYR A 37 1.68 -48.08 7.79
N MET A 38 3.01 -48.14 7.83
CA MET A 38 3.78 -48.59 9.00
C MET A 38 4.21 -47.37 9.81
N ASP A 39 3.83 -47.34 11.08
CA ASP A 39 4.23 -46.20 11.96
C ASP A 39 5.63 -46.47 12.52
N PRO A 40 6.27 -45.46 13.12
CA PRO A 40 7.67 -45.66 13.49
C PRO A 40 7.89 -46.48 14.77
N THR A 41 6.81 -46.92 15.43
CA THR A 41 6.86 -47.96 16.51
C THR A 41 6.61 -49.38 15.94
N GLY A 42 6.99 -49.62 14.68
CA GLY A 42 6.61 -50.83 13.91
C GLY A 42 5.15 -51.29 13.87
N LYS A 43 4.21 -50.42 14.23
CA LYS A 43 2.78 -50.71 14.21
C LYS A 43 2.08 -50.21 12.90
N THR A 44 1.09 -50.98 12.44
CA THR A 44 0.32 -50.75 11.22
C THR A 44 -0.87 -49.74 11.54
N ARG A 45 -1.04 -48.66 10.75
CA ARG A 45 -2.21 -47.73 10.90
C ARG A 45 -2.82 -47.39 9.53
N THR A 46 -4.00 -46.78 9.55
CA THR A 46 -4.61 -46.34 8.29
C THR A 46 -4.90 -44.84 8.29
N TRP A 47 -5.18 -44.38 7.10
CA TRP A 47 -5.40 -42.97 6.82
C TRP A 47 -6.40 -42.87 5.65
N GLU A 48 -7.17 -41.84 5.62
CA GLU A 48 -7.98 -41.54 4.48
C GLU A 48 -7.30 -40.48 3.59
N SER A 49 -7.02 -40.85 2.35
CA SER A 49 -6.21 -40.08 1.42
C SER A 49 -7.05 -39.68 0.22
N VAL A 50 -6.90 -38.42 -0.19
CA VAL A 50 -7.47 -37.90 -1.42
C VAL A 50 -6.44 -37.85 -2.49
N LYS A 51 -6.79 -38.31 -3.68
CA LYS A 51 -5.94 -38.09 -4.82
C LYS A 51 -6.70 -37.62 -6.07
N ARG A 52 -6.03 -36.91 -6.97
CA ARG A 52 -6.61 -36.65 -8.28
C ARG A 52 -6.44 -37.88 -9.20
N THR A 53 -7.35 -38.02 -10.18
CA THR A 53 -7.33 -39.09 -11.19
C THR A 53 -6.59 -38.66 -12.46
N THR A 54 -6.19 -37.40 -12.50
CA THR A 54 -5.64 -36.73 -13.66
C THR A 54 -4.12 -36.75 -13.75
N ARG A 55 -3.42 -37.25 -12.73
CA ARG A 55 -1.98 -37.15 -12.71
C ARG A 55 -1.40 -38.32 -13.47
N LYS A 56 -0.61 -38.04 -14.49
CA LYS A 56 -0.01 -39.07 -15.35
C LYS A 56 1.48 -39.22 -15.03
N GLU A 57 2.32 -38.62 -15.87
CA GLU A 57 3.75 -38.61 -15.61
C GLU A 57 4.21 -37.20 -15.18
N GLN A 58 3.28 -36.26 -15.06
CA GLN A 58 3.67 -34.93 -14.65
C GLN A 58 4.38 -35.01 -13.29
N THR A 59 5.36 -34.14 -13.10
CA THR A 59 6.12 -34.05 -11.86
C THR A 59 5.28 -33.49 -10.69
N ALA A 60 4.10 -32.95 -11.02
CA ALA A 60 3.09 -32.50 -10.07
C ALA A 60 1.77 -32.44 -10.76
N ASP A 61 0.70 -32.26 -9.99
CA ASP A 61 -0.61 -32.13 -10.56
C ASP A 61 -0.75 -30.80 -11.33
N GLY A 62 -0.19 -29.73 -10.78
CA GLY A 62 -0.55 -28.39 -11.20
C GLY A 62 0.61 -27.41 -11.06
N VAL A 63 0.34 -26.18 -11.47
CA VAL A 63 1.23 -25.08 -11.22
C VAL A 63 0.42 -23.94 -10.59
N ALA A 64 1.10 -23.14 -9.80
CA ALA A 64 0.57 -21.85 -9.37
C ALA A 64 1.66 -20.82 -9.80
N VAL A 65 1.22 -19.68 -10.27
CA VAL A 65 2.11 -18.74 -10.84
C VAL A 65 2.15 -17.53 -9.91
N ILE A 66 3.36 -17.09 -9.56
CA ILE A 66 3.58 -15.88 -8.80
C ILE A 66 3.99 -14.88 -9.89
N PRO A 67 3.06 -14.03 -10.34
CA PRO A 67 3.32 -13.16 -11.47
C PRO A 67 3.63 -11.71 -11.01
N VAL A 68 4.87 -11.28 -11.21
CA VAL A 68 5.33 -9.99 -10.75
C VAL A 68 5.28 -9.02 -11.87
N LEU A 69 4.30 -8.14 -11.83
CA LEU A 69 4.09 -7.22 -12.92
C LEU A 69 5.00 -6.08 -12.70
N GLN A 70 5.89 -5.83 -13.67
CA GLN A 70 6.93 -4.74 -13.54
C GLN A 70 6.69 -3.71 -14.66
N ARG A 71 6.68 -2.43 -14.30
CA ARG A 71 6.43 -1.38 -15.25
C ARG A 71 7.15 -0.17 -14.79
N THR A 72 7.69 0.55 -15.77
CA THR A 72 8.53 1.70 -15.44
C THR A 72 7.67 2.74 -14.69
N LEU A 73 8.21 3.20 -13.61
CA LEU A 73 7.60 4.25 -12.74
C LEU A 73 6.29 3.75 -12.13
N HIS A 74 6.18 2.43 -11.96
CA HIS A 74 5.15 1.78 -11.09
C HIS A 74 5.80 0.95 -10.05
N TYR A 75 5.12 0.82 -8.91
CA TYR A 75 5.52 -0.12 -7.90
C TYR A 75 5.16 -1.48 -8.50
N GLU A 76 5.95 -2.46 -8.21
CA GLU A 76 5.73 -3.88 -8.70
C GLU A 76 4.44 -4.38 -8.15
N CYS A 77 3.63 -5.05 -8.97
CA CYS A 77 2.36 -5.64 -8.47
C CYS A 77 2.43 -7.14 -8.53
N ILE A 78 1.60 -7.80 -7.74
CA ILE A 78 1.44 -9.26 -7.80
C ILE A 78 0.12 -9.41 -8.42
N VAL A 79 0.03 -10.21 -9.49
CA VAL A 79 -1.18 -10.36 -10.24
C VAL A 79 -1.92 -11.60 -9.67
N LEU A 80 -3.14 -11.35 -9.25
CA LEU A 80 -4.01 -12.36 -8.63
C LEU A 80 -5.27 -12.57 -9.38
N VAL A 81 -5.89 -13.71 -9.16
CA VAL A 81 -7.19 -13.96 -9.85
C VAL A 81 -8.28 -14.25 -8.84
N LYS A 82 -9.51 -13.86 -9.17
CA LYS A 82 -10.69 -14.08 -8.35
C LYS A 82 -11.67 -14.89 -9.20
N GLN A 83 -12.14 -16.02 -8.65
CA GLN A 83 -12.94 -16.99 -9.35
C GLN A 83 -13.88 -17.57 -8.34
N PHE A 84 -15.00 -18.04 -8.84
CA PHE A 84 -15.85 -18.86 -8.01
C PHE A 84 -15.32 -20.28 -7.94
N ARG A 85 -15.22 -20.80 -6.74
CA ARG A 85 -14.72 -22.12 -6.45
C ARG A 85 -15.82 -22.98 -5.87
N PRO A 86 -16.32 -23.92 -6.71
CA PRO A 86 -17.41 -24.70 -6.18
C PRO A 86 -17.14 -25.49 -4.88
N PRO A 87 -15.95 -26.08 -4.69
CA PRO A 87 -15.68 -26.74 -3.36
C PRO A 87 -15.85 -25.86 -2.13
N MET A 88 -15.51 -24.58 -2.29
CA MET A 88 -15.67 -23.58 -1.28
C MET A 88 -17.06 -22.94 -1.19
N GLY A 89 -17.88 -23.02 -2.25
CA GLY A 89 -19.19 -22.31 -2.28
C GLY A 89 -19.13 -20.79 -2.27
N GLY A 90 -18.10 -20.21 -2.92
CA GLY A 90 -17.76 -18.83 -2.74
C GLY A 90 -16.59 -18.45 -3.65
N TYR A 91 -16.35 -17.16 -3.73
CA TYR A 91 -15.25 -16.56 -4.47
C TYR A 91 -13.91 -16.58 -3.69
N CYS A 92 -12.81 -16.81 -4.41
CA CYS A 92 -11.53 -17.02 -3.75
C CYS A 92 -10.54 -16.20 -4.49
N ILE A 93 -9.55 -15.69 -3.77
CA ILE A 93 -8.48 -14.84 -4.44
C ILE A 93 -7.21 -15.68 -4.38
N GLU A 94 -6.63 -15.95 -5.57
CA GLU A 94 -5.57 -16.91 -5.72
C GLU A 94 -4.52 -16.46 -6.70
N PHE A 95 -3.35 -17.05 -6.58
CA PHE A 95 -2.39 -17.00 -7.67
C PHE A 95 -3.03 -17.73 -8.87
N PRO A 96 -2.76 -17.27 -10.10
CA PRO A 96 -3.14 -17.97 -11.32
C PRO A 96 -2.55 -19.37 -11.31
N ALA A 97 -3.36 -20.33 -11.68
CA ALA A 97 -3.05 -21.73 -11.51
C ALA A 97 -3.87 -22.59 -12.40
N GLY A 98 -3.31 -23.75 -12.74
CA GLY A 98 -4.07 -24.80 -13.42
C GLY A 98 -3.30 -26.08 -13.40
N LEU A 99 -3.97 -27.13 -13.80
CA LEU A 99 -3.33 -28.41 -13.90
C LEU A 99 -2.38 -28.45 -15.13
N ILE A 100 -1.35 -29.26 -15.05
CA ILE A 100 -0.35 -29.36 -16.08
C ILE A 100 -0.87 -30.37 -17.07
N ASP A 101 -0.92 -30.02 -18.35
CA ASP A 101 -1.41 -30.96 -19.38
C ASP A 101 -0.39 -32.08 -19.55
N ASP A 102 -0.86 -33.25 -19.99
CA ASP A 102 0.03 -34.38 -20.21
C ASP A 102 1.14 -33.98 -21.20
N GLY A 103 2.40 -34.17 -20.81
CA GLY A 103 3.52 -33.85 -21.67
C GLY A 103 3.94 -32.40 -21.62
N GLU A 104 3.22 -31.57 -20.85
CA GLU A 104 3.58 -30.20 -20.70
C GLU A 104 4.63 -30.05 -19.58
N THR A 105 5.54 -29.10 -19.72
CA THR A 105 6.49 -28.79 -18.68
C THR A 105 5.79 -27.87 -17.59
N PRO A 106 6.29 -27.89 -16.36
CA PRO A 106 5.67 -26.94 -15.39
C PRO A 106 5.84 -25.48 -15.89
N GLU A 107 6.97 -25.12 -16.45
CA GLU A 107 7.16 -23.76 -17.00
C GLU A 107 6.17 -23.35 -18.08
N ALA A 108 6.07 -24.18 -19.12
CA ALA A 108 5.01 -24.07 -20.13
C ALA A 108 3.55 -24.00 -19.57
N ALA A 109 3.17 -24.90 -18.66
CA ALA A 109 1.88 -24.80 -17.97
C ALA A 109 1.67 -23.45 -17.33
N ALA A 110 2.68 -22.97 -16.60
CA ALA A 110 2.59 -21.65 -15.86
C ALA A 110 2.41 -20.47 -16.82
N LEU A 111 3.26 -20.37 -17.83
CA LEU A 111 3.12 -19.29 -18.81
C LEU A 111 1.78 -19.40 -19.52
N ARG A 112 1.33 -20.60 -19.83
CA ARG A 112 0.06 -20.77 -20.55
C ARG A 112 -1.13 -20.38 -19.67
N GLU A 113 -1.19 -20.93 -18.47
CA GLU A 113 -2.23 -20.59 -17.52
C GLU A 113 -2.29 -19.08 -17.21
N LEU A 114 -1.13 -18.47 -17.01
CA LEU A 114 -1.06 -17.05 -16.76
C LEU A 114 -1.65 -16.25 -17.90
N GLU A 115 -1.36 -16.66 -19.14
CA GLU A 115 -1.93 -15.96 -20.27
C GLU A 115 -3.43 -16.23 -20.38
N GLU A 116 -3.85 -17.47 -20.23
CA GLU A 116 -5.29 -17.81 -20.27
C GLU A 116 -6.08 -17.08 -19.22
N GLU A 117 -5.54 -17.00 -18.02
CA GLU A 117 -6.33 -16.47 -16.91
C GLU A 117 -6.27 -14.95 -16.77
N THR A 118 -5.15 -14.35 -17.15
CA THR A 118 -4.94 -12.93 -16.99
C THR A 118 -4.74 -12.13 -18.28
N GLY A 119 -4.42 -12.80 -19.37
CA GLY A 119 -3.98 -12.09 -20.57
C GLY A 119 -2.50 -11.76 -20.63
N TYR A 120 -1.80 -11.79 -19.51
CA TYR A 120 -0.42 -11.40 -19.53
C TYR A 120 0.49 -12.46 -20.08
N LYS A 121 1.53 -11.98 -20.80
CA LYS A 121 2.60 -12.83 -21.30
C LYS A 121 3.86 -12.63 -20.48
N GLY A 122 4.13 -13.60 -19.65
CA GLY A 122 5.23 -13.51 -18.77
C GLY A 122 6.56 -14.02 -19.24
N ASP A 123 7.54 -13.84 -18.40
CA ASP A 123 8.93 -14.43 -18.55
C ASP A 123 9.30 -15.28 -17.34
N ILE A 124 9.68 -16.55 -17.54
CA ILE A 124 10.00 -17.38 -16.40
C ILE A 124 11.14 -16.76 -15.56
N ALA A 125 11.01 -16.74 -14.24
CA ALA A 125 12.13 -16.36 -13.34
C ALA A 125 12.66 -17.57 -12.60
N GLU A 126 11.78 -18.37 -12.01
CA GLU A 126 12.16 -19.55 -11.22
C GLU A 126 11.01 -20.51 -11.12
N CYS A 127 11.35 -21.71 -10.80
CA CYS A 127 10.39 -22.81 -10.74
C CYS A 127 10.78 -23.73 -9.59
N SER A 128 9.84 -23.92 -8.70
CA SER A 128 10.06 -24.70 -7.50
C SER A 128 10.08 -26.17 -7.83
N PRO A 129 10.68 -26.97 -6.96
CA PRO A 129 10.27 -28.39 -6.96
C PRO A 129 8.75 -28.56 -6.59
N ALA A 130 8.26 -29.76 -6.84
CA ALA A 130 6.92 -30.16 -6.51
C ALA A 130 6.71 -29.98 -5.01
N VAL A 131 5.70 -29.22 -4.64
CA VAL A 131 5.41 -28.86 -3.22
C VAL A 131 3.97 -29.28 -2.93
N CYS A 132 3.67 -29.66 -1.71
CA CYS A 132 2.38 -30.32 -1.39
C CYS A 132 1.38 -29.31 -0.99
N MET A 133 0.17 -29.51 -1.49
CA MET A 133 -0.96 -28.65 -1.27
C MET A 133 -1.60 -28.81 0.11
N ASP A 134 -1.73 -30.03 0.59
CA ASP A 134 -2.44 -30.24 1.82
C ASP A 134 -2.14 -31.70 2.27
N PRO A 135 -0.91 -31.93 2.78
CA PRO A 135 -0.33 -33.28 2.81
C PRO A 135 -0.95 -34.17 3.84
N GLY A 136 -1.61 -33.62 4.84
CA GLY A 136 -2.40 -34.44 5.77
C GLY A 136 -3.69 -34.97 5.20
N LEU A 137 -4.07 -34.49 4.01
CA LEU A 137 -5.29 -34.82 3.34
C LEU A 137 -5.13 -35.48 1.93
N SER A 138 -4.32 -34.86 1.08
CA SER A 138 -4.12 -35.31 -0.30
C SER A 138 -2.65 -35.47 -0.69
N ASN A 139 -2.42 -36.16 -1.81
CA ASN A 139 -1.12 -36.21 -2.45
C ASN A 139 -0.90 -35.07 -3.43
N CYS A 140 -1.82 -34.14 -3.54
CA CYS A 140 -1.74 -33.07 -4.56
C CYS A 140 -0.51 -32.22 -4.39
N THR A 141 0.14 -31.98 -5.54
CA THR A 141 1.31 -31.18 -5.60
C THR A 141 1.21 -30.16 -6.72
N ILE A 142 1.93 -29.05 -6.51
CA ILE A 142 2.23 -28.10 -7.57
C ILE A 142 3.66 -27.76 -7.67
N HIS A 143 4.03 -27.17 -8.80
CA HIS A 143 5.22 -26.31 -8.85
C HIS A 143 4.76 -24.88 -8.73
N ILE A 144 5.46 -24.14 -7.93
CA ILE A 144 5.21 -22.73 -7.79
C ILE A 144 6.18 -22.06 -8.75
N VAL A 145 5.63 -21.41 -9.75
CA VAL A 145 6.53 -20.77 -10.77
C VAL A 145 6.47 -19.29 -10.68
N THR A 146 7.62 -18.66 -10.48
CA THR A 146 7.76 -17.16 -10.43
C THR A 146 7.99 -16.69 -11.84
N VAL A 147 7.21 -15.69 -12.27
CA VAL A 147 7.23 -15.21 -13.60
C VAL A 147 7.23 -13.70 -13.47
N THR A 148 8.06 -13.01 -14.22
CA THR A 148 7.97 -11.54 -14.30
C THR A 148 7.18 -11.16 -15.56
N ILE A 149 6.40 -10.10 -15.49
CA ILE A 149 5.62 -9.64 -16.59
C ILE A 149 6.19 -8.24 -16.89
N ASN A 150 6.62 -8.04 -18.12
CA ASN A 150 7.13 -6.74 -18.55
C ASN A 150 5.87 -5.95 -18.96
N GLY A 151 5.33 -5.12 -18.03
CA GLY A 151 4.15 -4.38 -18.32
C GLY A 151 4.38 -3.21 -19.29
N ASP A 152 5.63 -2.89 -19.57
CA ASP A 152 5.92 -1.88 -20.62
C ASP A 152 5.91 -2.47 -22.04
N ASP A 153 5.90 -3.80 -22.17
CA ASP A 153 5.80 -4.41 -23.49
C ASP A 153 4.39 -4.21 -24.03
N ALA A 154 4.28 -3.91 -25.32
CA ALA A 154 2.96 -3.66 -25.95
C ALA A 154 2.05 -4.91 -25.93
N GLU A 155 2.69 -6.10 -25.92
CA GLU A 155 2.00 -7.38 -25.74
C GLU A 155 1.13 -7.37 -24.49
N ASN A 156 1.56 -6.63 -23.48
CA ASN A 156 0.94 -6.62 -22.18
C ASN A 156 0.21 -5.34 -21.85
N ALA A 157 -0.21 -4.60 -22.88
CA ALA A 157 -0.75 -3.25 -22.69
C ALA A 157 -2.18 -3.35 -22.18
N ARG A 158 -3.03 -4.04 -22.95
CA ARG A 158 -4.45 -4.18 -22.58
C ARG A 158 -4.73 -5.69 -22.59
N PRO A 159 -4.11 -6.45 -21.66
CA PRO A 159 -4.20 -7.91 -21.65
C PRO A 159 -5.64 -8.44 -21.58
N LYS A 160 -6.02 -9.33 -22.50
CA LYS A 160 -7.33 -9.94 -22.52
C LYS A 160 -7.24 -11.42 -22.05
N PRO A 161 -7.92 -11.78 -20.96
CA PRO A 161 -7.94 -13.23 -20.65
C PRO A 161 -8.54 -14.11 -21.77
N LYS A 162 -7.98 -15.30 -21.97
CA LYS A 162 -8.55 -16.34 -22.85
C LYS A 162 -9.03 -17.50 -22.00
N PRO A 163 -10.14 -17.31 -21.27
CA PRO A 163 -10.60 -18.42 -20.45
C PRO A 163 -11.09 -19.59 -21.34
N GLY A 164 -10.79 -20.81 -20.91
CA GLY A 164 -11.28 -22.04 -21.55
C GLY A 164 -12.71 -22.25 -21.11
N ASP A 165 -13.28 -23.40 -21.45
CA ASP A 165 -14.70 -23.67 -21.18
C ASP A 165 -15.02 -23.72 -19.67
N GLY A 166 -15.96 -22.92 -19.22
CA GLY A 166 -16.33 -22.91 -17.82
C GLY A 166 -15.31 -22.23 -16.88
N GLU A 167 -14.38 -21.47 -17.46
CA GLU A 167 -13.44 -20.63 -16.69
C GLU A 167 -14.03 -19.22 -16.74
N PHE A 168 -14.09 -18.55 -15.57
CA PHE A 168 -14.64 -17.19 -15.44
C PHE A 168 -13.82 -16.44 -14.39
N VAL A 169 -12.82 -15.72 -14.85
CA VAL A 169 -11.78 -15.23 -13.97
C VAL A 169 -11.72 -13.73 -14.05
N GLU A 170 -11.61 -13.10 -12.89
CA GLU A 170 -11.35 -11.64 -12.75
C GLU A 170 -9.89 -11.41 -12.28
N VAL A 171 -9.19 -10.45 -12.91
CA VAL A 171 -7.82 -10.16 -12.59
C VAL A 171 -7.69 -9.02 -11.57
N ILE A 172 -6.91 -9.25 -10.54
CA ILE A 172 -6.71 -8.27 -9.48
C ILE A 172 -5.23 -8.13 -9.25
N SER A 173 -4.69 -7.00 -9.67
CA SER A 173 -3.27 -6.69 -9.39
C SER A 173 -3.06 -5.79 -8.24
N LEU A 174 -2.25 -6.20 -7.26
CA LEU A 174 -2.06 -5.44 -6.02
C LEU A 174 -0.61 -5.16 -5.82
N PRO A 175 -0.26 -3.94 -5.28
CA PRO A 175 1.13 -3.63 -5.05
C PRO A 175 1.79 -4.56 -4.08
N LYS A 176 2.94 -5.09 -4.48
CA LYS A 176 3.76 -5.91 -3.63
C LYS A 176 4.08 -5.35 -2.28
N ASN A 177 4.37 -4.03 -2.26
CA ASN A 177 4.76 -3.30 -1.08
C ASN A 177 3.61 -3.06 -0.12
N ASP A 178 2.39 -3.40 -0.47
CA ASP A 178 1.23 -3.26 0.48
C ASP A 178 0.30 -4.48 0.35
N LEU A 179 0.85 -5.67 0.02
CA LEU A 179 -0.02 -6.77 -0.40
C LEU A 179 -1.03 -7.24 0.67
N LEU A 180 -0.53 -7.45 1.87
CA LEU A 180 -1.32 -7.98 2.94
C LEU A 180 -2.45 -7.00 3.29
N GLN A 181 -2.14 -5.71 3.38
CA GLN A 181 -3.17 -4.72 3.71
C GLN A 181 -4.19 -4.64 2.61
N ARG A 182 -3.76 -4.77 1.36
CA ARG A 182 -4.70 -4.68 0.27
C ARG A 182 -5.65 -5.88 0.15
N LEU A 183 -5.14 -7.06 0.48
CA LEU A 183 -5.96 -8.28 0.67
C LEU A 183 -6.96 -8.19 1.86
N ASP A 184 -6.46 -7.70 2.97
CA ASP A 184 -7.31 -7.41 4.18
C ASP A 184 -8.42 -6.46 3.76
N ALA A 185 -8.08 -5.36 3.08
CA ALA A 185 -9.12 -4.47 2.59
C ALA A 185 -10.13 -5.14 1.67
N LEU A 186 -9.71 -6.03 0.76
CA LEU A 186 -10.71 -6.72 -0.09
C LEU A 186 -11.58 -7.68 0.68
N VAL A 187 -11.02 -8.38 1.68
CA VAL A 187 -11.75 -9.33 2.52
C VAL A 187 -12.73 -8.53 3.41
N ALA A 188 -12.32 -7.36 3.89
CA ALA A 188 -13.28 -6.49 4.61
C ALA A 188 -14.53 -6.09 3.77
N GLU A 189 -14.35 -5.83 2.48
CA GLU A 189 -15.38 -5.25 1.61
C GLU A 189 -16.36 -6.26 1.01
N GLU A 190 -16.12 -7.56 1.24
CA GLU A 190 -17.03 -8.59 0.72
C GLU A 190 -16.71 -9.97 1.25
N HIS A 191 -17.61 -10.93 0.99
CA HIS A 191 -17.36 -12.33 1.31
C HIS A 191 -16.48 -12.94 0.21
N LEU A 192 -15.21 -13.17 0.53
CA LEU A 192 -14.33 -13.91 -0.34
C LEU A 192 -13.27 -14.49 0.57
N THR A 193 -12.59 -15.51 0.09
CA THR A 193 -11.58 -16.16 0.88
C THR A 193 -10.23 -15.93 0.18
N VAL A 194 -9.21 -15.61 0.92
CA VAL A 194 -7.90 -15.51 0.33
C VAL A 194 -7.31 -16.88 0.45
N ASP A 195 -6.58 -17.30 -0.60
CA ASP A 195 -5.85 -18.53 -0.58
C ASP A 195 -4.68 -18.54 0.38
N ALA A 196 -4.46 -19.69 1.03
CA ALA A 196 -3.37 -19.77 2.02
C ALA A 196 -1.95 -19.49 1.49
N ARG A 197 -1.69 -19.85 0.24
CA ARG A 197 -0.36 -19.56 -0.32
C ARG A 197 -0.23 -18.05 -0.59
N VAL A 198 -1.30 -17.41 -1.09
CA VAL A 198 -1.27 -15.97 -1.31
C VAL A 198 -1.08 -15.25 0.01
N TYR A 199 -1.82 -15.71 1.04
CA TYR A 199 -1.69 -15.09 2.38
C TYR A 199 -0.33 -15.31 2.99
N SER A 200 0.25 -16.48 2.75
CA SER A 200 1.56 -16.77 3.28
C SER A 200 2.63 -15.88 2.65
N TYR A 201 2.51 -15.72 1.36
CA TYR A 201 3.46 -14.87 0.60
C TYR A 201 3.29 -13.40 1.06
N ALA A 202 2.07 -12.93 1.17
CA ALA A 202 1.84 -11.57 1.73
C ALA A 202 2.34 -11.36 3.15
N LEU A 203 2.12 -12.32 4.02
CA LEU A 203 2.74 -12.32 5.35
C LEU A 203 4.30 -12.20 5.37
N ALA A 204 5.00 -13.04 4.58
CA ALA A 204 6.46 -12.96 4.50
C ALA A 204 6.90 -11.59 3.96
N LEU A 205 6.19 -11.01 2.98
CA LEU A 205 6.53 -9.68 2.47
C LEU A 205 6.47 -8.67 3.65
N LYS A 206 5.46 -8.80 4.51
CA LYS A 206 5.39 -7.99 5.76
C LYS A 206 6.53 -8.30 6.68
N HIS A 207 6.78 -9.57 6.99
CA HIS A 207 7.79 -9.92 7.98
C HIS A 207 9.26 -9.68 7.52
N ALA A 208 9.47 -9.55 6.22
CA ALA A 208 10.79 -9.19 5.74
C ALA A 208 10.98 -7.66 5.97
N LYS B 15 -22.83 -13.75 -8.47
CA LYS B 15 -23.62 -14.28 -9.63
C LYS B 15 -23.52 -15.80 -9.77
N GLN B 16 -22.41 -16.40 -9.33
CA GLN B 16 -22.30 -17.87 -9.22
C GLN B 16 -22.70 -18.35 -7.84
N TYR B 17 -23.20 -19.56 -7.80
CA TYR B 17 -23.67 -20.10 -6.53
C TYR B 17 -23.91 -21.59 -6.64
N ILE B 18 -24.04 -22.19 -5.48
CA ILE B 18 -24.24 -23.59 -5.34
C ILE B 18 -25.76 -23.81 -5.42
N ILE B 19 -26.14 -24.86 -6.11
CA ILE B 19 -27.51 -25.27 -6.30
C ILE B 19 -27.72 -26.41 -5.34
N SER B 20 -26.92 -27.49 -5.49
CA SER B 20 -26.99 -28.65 -4.58
C SER B 20 -25.69 -29.42 -4.50
N GLU B 21 -25.63 -30.28 -3.47
CA GLU B 21 -24.49 -31.13 -3.23
C GLU B 21 -24.99 -32.53 -3.01
N GLU B 22 -24.39 -33.48 -3.70
CA GLU B 22 -24.74 -34.85 -3.59
C GLU B 22 -23.61 -35.59 -2.95
N LEU B 23 -23.85 -36.16 -1.78
CA LEU B 23 -22.87 -37.10 -1.22
C LEU B 23 -22.41 -38.22 -2.16
N ILE B 24 -21.11 -38.33 -2.44
CA ILE B 24 -20.64 -39.47 -3.24
C ILE B 24 -20.14 -40.56 -2.29
N SER B 25 -19.46 -40.20 -1.21
CA SER B 25 -18.76 -41.21 -0.41
C SER B 25 -18.20 -40.49 0.81
N GLU B 26 -18.41 -41.09 1.99
CA GLU B 26 -18.14 -40.46 3.27
C GLU B 26 -17.36 -41.40 4.17
N GLY B 27 -16.08 -41.11 4.40
CA GLY B 27 -15.31 -41.87 5.38
C GLY B 27 -15.50 -41.28 6.76
N LYS B 28 -14.62 -41.66 7.67
CA LYS B 28 -14.60 -41.11 9.01
C LYS B 28 -14.08 -39.67 9.07
N TRP B 29 -13.11 -39.37 8.21
CA TRP B 29 -12.38 -38.11 8.25
C TRP B 29 -12.61 -37.21 7.01
N VAL B 30 -12.95 -37.80 5.87
CA VAL B 30 -13.06 -37.07 4.60
C VAL B 30 -14.28 -37.56 3.88
N LYS B 31 -14.98 -36.67 3.18
CA LYS B 31 -16.00 -37.06 2.20
C LYS B 31 -15.82 -36.41 0.83
N LEU B 32 -16.35 -37.07 -0.21
CA LEU B 32 -16.37 -36.60 -1.59
C LEU B 32 -17.78 -36.33 -2.01
N GLU B 33 -18.02 -35.12 -2.51
CA GLU B 33 -19.36 -34.67 -2.94
C GLU B 33 -19.40 -34.27 -4.40
N LYS B 34 -20.57 -34.30 -5.02
CA LYS B 34 -20.74 -33.85 -6.40
C LYS B 34 -21.53 -32.58 -6.27
N THR B 35 -20.90 -31.46 -6.60
CA THR B 35 -21.46 -30.11 -6.38
C THR B 35 -22.05 -29.63 -7.68
N THR B 36 -23.33 -29.26 -7.62
CA THR B 36 -23.94 -28.60 -8.77
C THR B 36 -23.98 -27.08 -8.57
N TYR B 37 -23.59 -26.35 -9.61
CA TYR B 37 -23.55 -24.89 -9.48
C TYR B 37 -23.93 -24.18 -10.76
N MET B 38 -24.26 -22.91 -10.60
CA MET B 38 -24.71 -22.11 -11.72
C MET B 38 -23.51 -21.34 -12.20
N ASP B 39 -23.16 -21.48 -13.46
CA ASP B 39 -22.04 -20.72 -13.98
C ASP B 39 -22.56 -19.32 -14.32
N PRO B 40 -21.67 -18.37 -14.59
CA PRO B 40 -22.16 -16.99 -14.70
C PRO B 40 -22.93 -16.69 -15.98
N THR B 41 -22.99 -17.63 -16.94
CA THR B 41 -23.88 -17.45 -18.08
C THR B 41 -25.32 -17.90 -17.80
N GLY B 42 -25.55 -18.63 -16.71
CA GLY B 42 -26.85 -19.28 -16.46
C GLY B 42 -26.87 -20.77 -16.81
N LYS B 43 -25.69 -21.37 -17.06
CA LYS B 43 -25.58 -22.80 -17.32
C LYS B 43 -25.19 -23.53 -16.04
N THR B 44 -25.84 -24.67 -15.87
CA THR B 44 -25.72 -25.52 -14.70
C THR B 44 -24.50 -26.42 -14.91
N ARG B 45 -23.61 -26.55 -13.90
CA ARG B 45 -22.36 -27.36 -14.05
C ARG B 45 -22.05 -28.15 -12.79
N THR B 46 -21.25 -29.21 -12.90
CA THR B 46 -20.90 -30.02 -11.75
C THR B 46 -19.38 -29.92 -11.40
N TRP B 47 -19.07 -30.17 -10.14
CA TRP B 47 -17.70 -30.15 -9.63
C TRP B 47 -17.57 -31.30 -8.64
N GLU B 48 -16.39 -31.91 -8.57
CA GLU B 48 -16.14 -32.94 -7.54
C GLU B 48 -15.37 -32.23 -6.46
N SER B 49 -15.99 -32.18 -5.28
CA SER B 49 -15.52 -31.46 -4.14
C SER B 49 -15.21 -32.39 -2.99
N VAL B 50 -14.11 -32.12 -2.32
CA VAL B 50 -13.69 -32.81 -1.08
C VAL B 50 -13.99 -31.93 0.11
N LYS B 51 -14.49 -32.52 1.19
CA LYS B 51 -14.62 -31.85 2.48
C LYS B 51 -14.20 -32.78 3.61
N ARG B 52 -13.73 -32.18 4.70
CA ARG B 52 -13.55 -32.94 5.92
C ARG B 52 -14.91 -33.11 6.62
N THR B 53 -15.00 -34.15 7.44
CA THR B 53 -16.21 -34.41 8.23
C THR B 53 -16.11 -33.82 9.64
N THR B 54 -14.92 -33.33 10.01
CA THR B 54 -14.60 -32.89 11.37
C THR B 54 -14.95 -31.41 11.66
N ARG B 55 -15.32 -30.62 10.66
CA ARG B 55 -15.55 -29.20 10.93
C ARG B 55 -16.90 -29.01 11.60
N LYS B 56 -16.99 -28.11 12.59
CA LYS B 56 -18.21 -27.91 13.42
C LYS B 56 -18.69 -26.46 13.40
N GLN B 58 -16.65 -23.99 14.01
CA GLN B 58 -15.25 -23.63 13.84
C GLN B 58 -15.13 -22.48 12.86
N THR B 59 -14.13 -21.62 13.11
CA THR B 59 -13.69 -20.57 12.19
C THR B 59 -13.14 -21.13 10.86
N ALA B 60 -12.74 -22.41 10.87
CA ALA B 60 -11.85 -23.03 9.87
C ALA B 60 -11.59 -24.48 10.33
N ASP B 61 -11.06 -25.33 9.47
CA ASP B 61 -10.74 -26.69 9.87
C ASP B 61 -9.55 -26.70 10.85
N GLY B 62 -8.52 -25.92 10.52
CA GLY B 62 -7.16 -26.12 11.05
C GLY B 62 -6.51 -24.77 11.35
N VAL B 63 -5.35 -24.88 11.99
CA VAL B 63 -4.39 -23.79 12.09
C VAL B 63 -3.06 -24.24 11.56
N ALA B 64 -2.28 -23.30 11.05
CA ALA B 64 -0.90 -23.51 10.74
C ALA B 64 -0.16 -22.37 11.43
N VAL B 65 0.97 -22.67 11.98
CA VAL B 65 1.67 -21.74 12.78
C VAL B 65 2.97 -21.41 12.11
N ILE B 66 3.18 -20.12 11.95
CA ILE B 66 4.46 -19.61 11.55
C ILE B 66 5.24 -19.24 12.84
N PRO B 67 6.18 -20.11 13.27
CA PRO B 67 6.84 -19.87 14.55
C PRO B 67 8.21 -19.23 14.36
N VAL B 68 8.33 -17.99 14.77
CA VAL B 68 9.54 -17.22 14.63
C VAL B 68 10.31 -17.40 15.96
N LEU B 69 11.31 -18.27 15.93
CA LEU B 69 12.22 -18.47 17.06
C LEU B 69 13.32 -17.38 17.18
N GLN B 70 13.20 -16.60 18.23
CA GLN B 70 14.04 -15.42 18.44
C GLN B 70 14.97 -15.67 19.59
N ARG B 71 16.26 -15.82 19.30
CA ARG B 71 17.27 -15.91 20.35
C ARG B 71 18.28 -14.80 20.11
N THR B 72 18.63 -14.12 21.17
CA THR B 72 19.65 -13.08 21.02
C THR B 72 20.99 -13.62 20.57
N LEU B 73 21.73 -12.80 19.79
CA LEU B 73 22.98 -13.18 19.19
C LEU B 73 22.91 -14.40 18.22
N HIS B 74 21.71 -14.74 17.73
CA HIS B 74 21.50 -15.84 16.77
C HIS B 74 20.67 -15.31 15.64
N TYR B 75 20.75 -15.95 14.47
CA TYR B 75 19.75 -15.72 13.44
C TYR B 75 18.37 -16.08 13.95
N GLU B 76 17.35 -15.31 13.56
CA GLU B 76 15.94 -15.70 13.74
C GLU B 76 15.74 -16.92 12.87
N CYS B 77 15.05 -17.89 13.44
CA CYS B 77 14.68 -19.09 12.69
C CYS B 77 13.15 -19.23 12.60
N ILE B 78 12.73 -19.97 11.58
CA ILE B 78 11.37 -20.37 11.43
C ILE B 78 11.44 -21.83 11.77
N VAL B 79 10.60 -22.22 12.71
CA VAL B 79 10.54 -23.59 13.21
C VAL B 79 9.55 -24.45 12.40
N LEU B 80 10.02 -25.53 11.82
CA LEU B 80 9.18 -26.35 11.00
C LEU B 80 9.23 -27.76 11.46
N VAL B 81 8.31 -28.54 10.94
CA VAL B 81 8.22 -29.92 11.31
C VAL B 81 8.28 -30.82 10.11
N LYS B 82 8.79 -32.02 10.34
CA LYS B 82 8.97 -33.05 9.32
C LYS B 82 8.28 -34.30 9.88
N GLN B 83 7.47 -34.93 9.04
CA GLN B 83 6.52 -35.99 9.49
C GLN B 83 6.23 -36.80 8.23
N PHE B 84 5.96 -38.08 8.44
CA PHE B 84 5.55 -38.94 7.38
C PHE B 84 4.10 -38.59 7.10
N ARG B 85 3.77 -38.38 5.83
CA ARG B 85 2.37 -38.05 5.47
C ARG B 85 1.80 -39.13 4.59
N PRO B 86 0.83 -39.87 5.12
CA PRO B 86 0.37 -41.04 4.30
C PRO B 86 -0.26 -40.69 2.94
N PRO B 87 -1.06 -39.61 2.84
CA PRO B 87 -1.50 -39.21 1.46
C PRO B 87 -0.34 -38.95 0.53
N MET B 88 0.79 -38.46 1.02
CA MET B 88 1.90 -38.21 0.12
C MET B 88 2.77 -39.44 -0.11
N GLY B 89 2.68 -40.43 0.78
CA GLY B 89 3.57 -41.61 0.75
C GLY B 89 4.98 -41.30 1.09
N GLY B 90 5.20 -40.17 1.79
CA GLY B 90 6.54 -39.74 2.08
C GLY B 90 6.58 -38.69 3.18
N TYR B 91 7.78 -38.20 3.40
CA TYR B 91 8.01 -37.19 4.41
C TYR B 91 7.87 -35.76 3.78
N CYS B 92 7.24 -34.89 4.54
CA CYS B 92 6.98 -33.50 4.24
C CYS B 92 7.49 -32.57 5.30
N ILE B 93 7.90 -31.39 4.86
CA ILE B 93 8.32 -30.33 5.77
C ILE B 93 7.23 -29.27 5.74
N GLU B 94 6.76 -28.86 6.91
CA GLU B 94 5.56 -28.08 7.04
C GLU B 94 5.65 -27.15 8.26
N PHE B 95 4.77 -26.17 8.27
CA PHE B 95 4.53 -25.34 9.46
C PHE B 95 3.86 -26.24 10.49
N PRO B 96 4.17 -26.09 11.79
CA PRO B 96 3.35 -26.85 12.75
C PRO B 96 1.87 -26.51 12.57
N ALA B 97 1.04 -27.51 12.72
CA ALA B 97 -0.32 -27.35 12.34
C ALA B 97 -1.19 -28.46 12.89
N GLY B 98 -2.44 -28.10 13.12
CA GLY B 98 -3.41 -29.15 13.33
C GLY B 98 -4.82 -28.63 13.27
N LEU B 99 -5.75 -29.58 13.31
CA LEU B 99 -7.19 -29.24 13.36
C LEU B 99 -7.54 -28.54 14.70
N ILE B 100 -8.47 -27.60 14.66
CA ILE B 100 -8.92 -26.85 15.83
C ILE B 100 -9.95 -27.75 16.54
N ASP B 101 -9.82 -27.94 17.84
CA ASP B 101 -10.81 -28.71 18.64
C ASP B 101 -12.11 -27.93 18.75
N ASP B 102 -13.26 -28.63 18.73
CA ASP B 102 -14.60 -27.99 18.97
C ASP B 102 -14.54 -27.10 20.23
N GLY B 103 -14.98 -25.85 20.11
CA GLY B 103 -14.87 -24.86 21.19
C GLY B 103 -13.51 -24.18 21.42
N GLU B 104 -12.48 -24.58 20.69
CA GLU B 104 -11.16 -23.93 20.78
C GLU B 104 -11.10 -22.69 19.85
N THR B 105 -10.43 -21.64 20.29
CA THR B 105 -10.14 -20.50 19.41
C THR B 105 -8.95 -20.82 18.47
N PRO B 106 -8.87 -20.11 17.31
CA PRO B 106 -7.69 -20.38 16.44
C PRO B 106 -6.36 -20.07 17.16
N GLU B 107 -6.36 -19.00 17.95
CA GLU B 107 -5.15 -18.62 18.73
C GLU B 107 -4.70 -19.71 19.69
N ALA B 108 -5.64 -20.33 20.37
CA ALA B 108 -5.33 -21.28 21.40
C ALA B 108 -4.93 -22.57 20.73
N ALA B 109 -5.54 -22.90 19.60
CA ALA B 109 -5.17 -24.09 18.82
C ALA B 109 -3.73 -23.98 18.36
N ALA B 110 -3.35 -22.77 18.00
CA ALA B 110 -1.97 -22.45 17.52
C ALA B 110 -0.96 -22.69 18.59
N LEU B 111 -1.21 -22.10 19.77
CA LEU B 111 -0.23 -22.27 20.86
C LEU B 111 -0.13 -23.71 21.33
N ARG B 112 -1.26 -24.43 21.32
CA ARG B 112 -1.30 -25.82 21.71
C ARG B 112 -0.62 -26.69 20.71
N GLU B 113 -0.97 -26.53 19.42
CA GLU B 113 -0.26 -27.36 18.40
C GLU B 113 1.20 -27.04 18.36
N LEU B 114 1.55 -25.78 18.47
CA LEU B 114 2.95 -25.44 18.46
C LEU B 114 3.65 -26.17 19.58
N GLU B 115 3.04 -26.14 20.75
CA GLU B 115 3.61 -26.85 21.90
C GLU B 115 3.67 -28.35 21.74
N GLU B 116 2.59 -28.98 21.32
CA GLU B 116 2.60 -30.46 21.13
C GLU B 116 3.65 -30.94 20.13
N GLU B 117 3.79 -30.18 19.05
CA GLU B 117 4.63 -30.61 17.91
C GLU B 117 6.07 -30.21 18.07
N THR B 118 6.30 -29.05 18.71
CA THR B 118 7.68 -28.55 18.86
C THR B 118 8.22 -28.56 20.31
N GLY B 119 7.33 -28.68 21.30
CA GLY B 119 7.63 -28.29 22.64
C GLY B 119 7.86 -26.80 22.88
N TYR B 120 7.75 -25.89 21.90
CA TYR B 120 7.95 -24.44 22.23
C TYR B 120 6.72 -23.77 22.67
N LYS B 121 6.90 -22.77 23.56
CA LYS B 121 5.83 -21.92 24.08
C LYS B 121 6.01 -20.54 23.56
N GLY B 122 4.99 -20.02 22.88
CA GLY B 122 5.16 -18.84 22.06
C GLY B 122 4.08 -17.86 22.39
N ASP B 123 4.17 -16.68 21.80
CA ASP B 123 3.19 -15.62 21.95
C ASP B 123 2.59 -15.38 20.61
N ILE B 124 1.29 -15.10 20.57
CA ILE B 124 0.60 -14.69 19.35
C ILE B 124 1.02 -13.29 18.89
N ALA B 125 1.43 -13.19 17.62
CA ALA B 125 1.70 -11.87 17.00
C ALA B 125 0.51 -11.41 16.17
N GLU B 126 0.02 -12.27 15.30
CA GLU B 126 -1.11 -11.97 14.47
C GLU B 126 -1.80 -13.27 14.03
N CYS B 127 -3.03 -13.14 13.52
CA CYS B 127 -3.87 -14.30 13.18
C CYS B 127 -4.65 -13.91 11.94
N SER B 128 -4.52 -14.74 10.91
CA SER B 128 -5.23 -14.47 9.68
C SER B 128 -6.72 -14.79 9.79
N PRO B 129 -7.55 -14.24 8.88
CA PRO B 129 -8.85 -14.83 8.59
C PRO B 129 -8.75 -16.24 8.00
N ALA B 130 -9.90 -16.91 7.87
CA ALA B 130 -9.84 -18.30 7.35
C ALA B 130 -9.31 -18.18 5.92
N VAL B 131 -8.31 -18.96 5.60
CA VAL B 131 -7.75 -19.00 4.24
C VAL B 131 -7.88 -20.40 3.67
N CYS B 132 -8.01 -20.50 2.37
CA CYS B 132 -8.27 -21.82 1.78
C CYS B 132 -7.02 -22.57 1.41
N MET B 133 -7.09 -23.88 1.54
CA MET B 133 -5.97 -24.75 1.33
C MET B 133 -5.81 -25.18 -0.11
N ASP B 134 -6.94 -25.56 -0.72
CA ASP B 134 -6.89 -26.02 -2.08
C ASP B 134 -8.27 -25.87 -2.72
N PRO B 135 -8.63 -24.64 -3.12
CA PRO B 135 -10.05 -24.34 -3.29
C PRO B 135 -10.66 -24.90 -4.57
N GLY B 136 -9.80 -25.35 -5.53
CA GLY B 136 -10.20 -26.08 -6.68
C GLY B 136 -10.57 -27.52 -6.37
N LEU B 137 -10.24 -27.99 -5.18
CA LEU B 137 -10.52 -29.38 -4.85
C LEU B 137 -11.36 -29.52 -3.60
N SER B 138 -11.03 -28.78 -2.54
CA SER B 138 -11.62 -28.98 -1.22
C SER B 138 -12.17 -27.69 -0.65
N ASN B 139 -12.95 -27.79 0.41
CA ASN B 139 -13.38 -26.62 1.15
C ASN B 139 -12.50 -26.33 2.34
N CYS B 140 -11.33 -27.02 2.46
CA CYS B 140 -10.54 -26.92 3.63
C CYS B 140 -9.95 -25.53 3.80
N THR B 141 -10.02 -25.04 5.04
CA THR B 141 -9.49 -23.75 5.41
C THR B 141 -8.66 -23.85 6.72
N ILE B 142 -7.77 -22.87 6.92
CA ILE B 142 -7.00 -22.75 8.13
C ILE B 142 -6.90 -21.33 8.52
N HIS B 143 -6.48 -21.12 9.76
CA HIS B 143 -6.01 -19.79 10.19
C HIS B 143 -4.50 -19.87 10.23
N ILE B 144 -3.81 -18.95 9.57
CA ILE B 144 -2.37 -18.87 9.68
C ILE B 144 -2.07 -17.98 10.85
N VAL B 145 -1.28 -18.49 11.80
CA VAL B 145 -1.09 -17.78 13.06
C VAL B 145 0.40 -17.56 13.24
N THR B 146 0.79 -16.29 13.23
CA THR B 146 2.17 -15.91 13.40
C THR B 146 2.37 -15.86 14.92
N VAL B 147 3.41 -16.54 15.39
CA VAL B 147 3.70 -16.68 16.77
C VAL B 147 5.19 -16.41 16.94
N THR B 148 5.58 -15.60 17.90
CA THR B 148 7.03 -15.49 18.24
C THR B 148 7.42 -16.36 19.41
N ILE B 149 8.62 -16.88 19.40
CA ILE B 149 9.05 -17.72 20.48
C ILE B 149 10.30 -17.09 21.07
N ASN B 150 10.24 -16.78 22.37
CA ASN B 150 11.36 -16.14 23.05
C ASN B 150 12.28 -17.27 23.43
N GLY B 151 13.22 -17.52 22.55
CA GLY B 151 14.10 -18.66 22.71
C GLY B 151 15.09 -18.55 23.89
N ASP B 152 15.19 -17.39 24.54
CA ASP B 152 16.09 -17.24 25.66
C ASP B 152 15.40 -17.52 26.98
N ASP B 153 14.06 -17.60 26.98
CA ASP B 153 13.25 -17.88 28.17
C ASP B 153 13.51 -19.32 28.61
N ALA B 154 13.48 -19.54 29.93
CA ALA B 154 13.77 -20.82 30.50
C ALA B 154 12.79 -21.90 30.02
N GLU B 155 11.53 -21.55 29.80
CA GLU B 155 10.53 -22.56 29.37
C GLU B 155 10.81 -23.14 27.95
N ASN B 156 11.65 -22.44 27.16
CA ASN B 156 12.06 -22.86 25.82
C ASN B 156 13.51 -23.27 25.78
N ALA B 157 14.15 -23.45 26.95
CA ALA B 157 15.52 -23.92 26.95
C ALA B 157 15.65 -25.36 26.39
N ARG B 158 14.81 -26.27 26.88
CA ARG B 158 14.89 -27.69 26.50
C ARG B 158 13.47 -28.07 26.11
N PRO B 159 13.05 -27.71 24.87
CA PRO B 159 11.61 -27.75 24.56
C PRO B 159 11.03 -29.19 24.58
N LYS B 160 9.94 -29.39 25.34
CA LYS B 160 9.33 -30.71 25.56
C LYS B 160 8.14 -31.04 24.59
N PRO B 161 8.39 -31.68 23.41
CA PRO B 161 7.24 -31.96 22.51
C PRO B 161 6.22 -32.96 23.10
N LYS B 162 4.95 -32.56 23.27
CA LYS B 162 3.87 -33.49 23.73
C LYS B 162 2.93 -33.99 22.58
N PRO B 163 3.41 -34.92 21.73
CA PRO B 163 2.59 -35.50 20.67
C PRO B 163 1.36 -36.31 21.15
N GLY B 164 0.19 -36.08 20.54
CA GLY B 164 -0.96 -36.99 20.71
C GLY B 164 -0.70 -38.41 20.14
N ASP B 165 -1.66 -39.30 20.30
CA ASP B 165 -1.56 -40.65 19.73
C ASP B 165 -1.32 -40.65 18.20
N GLY B 166 -0.30 -41.42 17.78
CA GLY B 166 0.03 -41.62 16.38
C GLY B 166 0.72 -40.45 15.66
N GLU B 167 1.17 -39.43 16.41
CA GLU B 167 1.97 -38.34 15.84
C GLU B 167 3.44 -38.63 16.03
N PHE B 168 4.23 -38.38 14.98
CA PHE B 168 5.67 -38.64 14.99
C PHE B 168 6.34 -37.50 14.22
N VAL B 169 6.81 -36.51 14.98
CA VAL B 169 7.19 -35.19 14.45
C VAL B 169 8.65 -34.81 14.75
N GLU B 170 9.45 -34.56 13.71
CA GLU B 170 10.85 -34.14 13.87
C GLU B 170 10.85 -32.62 13.73
N VAL B 171 11.70 -31.93 14.48
CA VAL B 171 11.63 -30.48 14.52
C VAL B 171 12.80 -29.97 13.71
N ILE B 172 12.55 -29.02 12.81
CA ILE B 172 13.62 -28.49 11.98
C ILE B 172 13.49 -26.96 11.96
N SER B 173 14.50 -26.30 12.54
CA SER B 173 14.57 -24.87 12.64
C SER B 173 15.54 -24.33 11.64
N LEU B 174 15.09 -23.38 10.83
CA LEU B 174 15.91 -22.86 9.76
C LEU B 174 15.99 -21.38 9.87
N PRO B 175 17.17 -20.82 9.60
CA PRO B 175 17.22 -19.37 9.61
C PRO B 175 16.26 -18.68 8.62
N LYS B 176 15.47 -17.72 9.09
CA LYS B 176 14.53 -16.96 8.28
C LYS B 176 15.22 -16.22 7.10
N ASN B 177 16.43 -15.71 7.34
CA ASN B 177 17.14 -14.97 6.29
C ASN B 177 17.69 -15.78 5.09
N ASP B 178 17.77 -17.10 5.20
CA ASP B 178 18.20 -17.94 4.08
C ASP B 178 17.18 -19.09 3.87
N LEU B 179 15.92 -18.87 4.23
CA LEU B 179 14.93 -19.98 4.31
C LEU B 179 14.80 -20.72 3.01
N LEU B 180 14.58 -20.01 1.88
CA LEU B 180 14.40 -20.71 0.61
C LEU B 180 15.60 -21.60 0.17
N GLN B 181 16.82 -21.05 0.23
CA GLN B 181 18.05 -21.86 -0.03
C GLN B 181 18.15 -23.04 0.96
N ARG B 182 17.82 -22.84 2.23
CA ARG B 182 17.93 -23.96 3.15
C ARG B 182 16.92 -25.08 2.83
N LEU B 183 15.70 -24.71 2.40
CA LEU B 183 14.70 -25.69 2.08
C LEU B 183 15.08 -26.44 0.81
N ASP B 184 15.52 -25.71 -0.20
CA ASP B 184 16.02 -26.35 -1.47
C ASP B 184 17.11 -27.38 -1.14
N ALA B 185 18.01 -27.05 -0.23
CA ALA B 185 19.06 -27.99 0.15
C ALA B 185 18.48 -29.27 0.77
N LEU B 186 17.50 -29.10 1.68
CA LEU B 186 16.89 -30.26 2.28
C LEU B 186 16.23 -31.14 1.25
N VAL B 187 15.49 -30.56 0.32
CA VAL B 187 14.87 -31.29 -0.79
C VAL B 187 15.91 -32.01 -1.66
N ALA B 188 17.01 -31.30 -1.96
CA ALA B 188 18.11 -31.87 -2.73
C ALA B 188 18.78 -33.03 -1.99
N GLU B 189 18.98 -32.91 -0.68
CA GLU B 189 19.72 -33.92 0.04
C GLU B 189 18.84 -35.07 0.54
N GLU B 190 17.57 -34.79 0.84
CA GLU B 190 16.77 -35.67 1.73
C GLU B 190 15.55 -36.38 1.14
N HIS B 191 15.26 -36.20 -0.16
CA HIS B 191 13.93 -36.57 -0.79
C HIS B 191 12.73 -36.38 0.14
N LEU B 192 12.47 -35.12 0.40
CA LEU B 192 11.39 -34.58 1.20
C LEU B 192 10.52 -33.71 0.25
N THR B 193 9.25 -33.55 0.57
CA THR B 193 8.42 -32.53 -0.06
C THR B 193 8.18 -31.39 0.91
N VAL B 194 8.44 -30.16 0.45
CA VAL B 194 8.18 -28.96 1.20
C VAL B 194 6.73 -28.59 0.95
N ASP B 195 6.02 -28.15 1.98
CA ASP B 195 4.69 -27.64 1.87
C ASP B 195 4.56 -26.35 1.08
N ALA B 196 3.43 -26.16 0.41
CA ALA B 196 3.31 -25.01 -0.51
C ALA B 196 3.24 -23.67 0.18
N ARG B 197 2.61 -23.65 1.36
CA ARG B 197 2.59 -22.49 2.17
C ARG B 197 3.99 -22.14 2.71
N VAL B 198 4.74 -23.13 3.19
CA VAL B 198 6.10 -22.88 3.64
C VAL B 198 6.88 -22.31 2.46
N TYR B 199 6.77 -22.92 1.28
CA TYR B 199 7.57 -22.51 0.15
C TYR B 199 7.18 -21.09 -0.34
N SER B 200 5.91 -20.79 -0.27
CA SER B 200 5.41 -19.47 -0.61
C SER B 200 5.93 -18.34 0.28
N TYR B 201 5.97 -18.62 1.59
CA TYR B 201 6.50 -17.70 2.61
C TYR B 201 8.02 -17.54 2.32
N ALA B 202 8.73 -18.63 2.15
CA ALA B 202 10.18 -18.63 1.79
C ALA B 202 10.50 -17.81 0.56
N LEU B 203 9.70 -18.02 -0.50
CA LEU B 203 9.77 -17.22 -1.72
C LEU B 203 9.63 -15.76 -1.47
N ALA B 204 8.54 -15.34 -0.82
CA ALA B 204 8.34 -13.90 -0.53
C ALA B 204 9.45 -13.28 0.36
N LEU B 205 10.03 -14.03 1.32
CA LEU B 205 11.21 -13.53 2.07
C LEU B 205 12.30 -13.09 1.07
N LYS B 206 12.57 -13.91 0.07
CA LYS B 206 13.54 -13.56 -0.98
C LYS B 206 13.04 -12.43 -1.90
N HIS B 207 11.78 -12.46 -2.30
CA HIS B 207 11.26 -11.46 -3.25
C HIS B 207 11.06 -10.01 -2.67
N ALA B 208 10.99 -9.93 -1.34
CA ALA B 208 10.69 -8.68 -0.68
C ALA B 208 11.72 -7.59 -1.04
N ASN B 209 11.22 -6.34 -1.04
CA ASN B 209 11.96 -5.09 -1.32
C ASN B 209 12.22 -4.93 -2.82
N GLN C 16 12.40 10.96 -17.86
CA GLN C 16 13.35 11.92 -17.22
C GLN C 16 13.99 11.30 -15.97
N TYR C 17 15.24 11.66 -15.68
CA TYR C 17 15.88 11.23 -14.44
C TYR C 17 17.01 12.17 -14.05
N ILE C 18 17.39 12.06 -12.76
CA ILE C 18 18.38 12.92 -12.16
C ILE C 18 19.68 12.32 -12.56
N ILE C 19 20.60 13.16 -13.01
CA ILE C 19 22.00 12.78 -13.28
C ILE C 19 22.91 13.14 -12.07
N SER C 20 22.91 14.40 -11.68
CA SER C 20 23.87 14.89 -10.71
C SER C 20 23.22 15.93 -9.83
N GLU C 21 23.43 15.76 -8.51
CA GLU C 21 23.07 16.73 -7.47
C GLU C 21 24.36 17.40 -6.98
N GLU C 22 24.63 18.61 -7.49
CA GLU C 22 25.83 19.36 -7.19
C GLU C 22 25.57 20.41 -6.09
N LEU C 23 26.22 20.22 -4.94
CA LEU C 23 26.14 21.09 -3.76
C LEU C 23 26.66 22.52 -3.99
N ILE C 24 25.81 23.55 -3.73
CA ILE C 24 26.16 24.99 -3.84
C ILE C 24 26.29 25.78 -2.53
N SER C 25 25.76 25.28 -1.40
CA SER C 25 25.90 25.91 -0.05
C SER C 25 25.08 25.19 1.06
N GLU C 26 25.58 25.16 2.30
CA GLU C 26 24.99 24.33 3.38
C GLU C 26 25.03 25.00 4.76
N GLY C 27 23.86 25.43 5.24
CA GLY C 27 23.73 26.13 6.50
C GLY C 27 23.40 25.12 7.56
N LYS C 28 23.16 25.58 8.79
CA LYS C 28 22.72 24.71 9.90
C LYS C 28 21.31 24.11 9.73
N TRP C 29 20.50 24.64 8.78
CA TRP C 29 19.10 24.18 8.57
C TRP C 29 18.65 23.95 7.12
N VAL C 30 19.25 24.59 6.11
CA VAL C 30 18.90 24.34 4.68
C VAL C 30 20.14 24.28 3.72
N LYS C 31 19.98 23.75 2.50
CA LYS C 31 21.04 23.76 1.47
C LYS C 31 20.50 24.04 0.08
N LEU C 32 21.38 24.51 -0.78
CA LEU C 32 21.07 24.81 -2.18
C LEU C 32 21.86 23.79 -3.06
N GLU C 33 21.35 23.48 -4.27
CA GLU C 33 21.99 22.51 -5.19
C GLU C 33 21.72 22.76 -6.69
N LYS C 34 22.69 22.33 -7.51
CA LYS C 34 22.55 22.34 -8.97
C LYS C 34 22.15 20.91 -9.41
N THR C 35 21.07 20.82 -10.16
CA THR C 35 20.41 19.55 -10.44
C THR C 35 20.41 19.30 -11.93
N THR C 36 21.31 18.43 -12.39
CA THR C 36 21.39 18.13 -13.83
C THR C 36 20.60 16.87 -14.09
N TYR C 37 19.87 16.85 -15.19
CA TYR C 37 18.76 15.93 -15.38
C TYR C 37 18.53 15.75 -16.93
N MET C 38 18.18 14.54 -17.39
CA MET C 38 17.80 14.33 -18.82
C MET C 38 16.35 14.63 -19.04
N ASP C 39 16.06 15.44 -20.06
CA ASP C 39 14.67 15.62 -20.43
C ASP C 39 14.23 14.42 -21.23
N PRO C 40 12.93 14.41 -21.61
CA PRO C 40 12.17 13.44 -22.40
C PRO C 40 12.67 13.29 -23.86
N THR C 41 13.05 14.39 -24.49
CA THR C 41 13.65 14.36 -25.82
C THR C 41 15.09 13.76 -25.81
N GLY C 42 15.78 13.85 -24.66
CA GLY C 42 17.15 13.33 -24.47
C GLY C 42 18.21 14.42 -24.32
N LYS C 43 17.81 15.69 -24.46
CA LYS C 43 18.60 16.83 -24.02
C LYS C 43 18.87 16.83 -22.49
N THR C 44 20.18 16.80 -22.19
CA THR C 44 20.73 17.12 -20.85
C THR C 44 20.34 18.60 -20.50
N ARG C 45 19.78 18.84 -19.29
CA ARG C 45 19.38 20.20 -18.79
C ARG C 45 19.75 20.35 -17.34
N THR C 46 19.50 21.53 -16.75
CA THR C 46 19.88 21.76 -15.37
C THR C 46 18.89 22.64 -14.52
N TRP C 47 19.08 22.72 -13.23
CA TRP C 47 18.02 23.35 -12.34
C TRP C 47 18.59 23.72 -10.97
N GLU C 48 18.11 24.86 -10.40
CA GLU C 48 18.46 25.21 -9.00
C GLU C 48 17.42 24.63 -7.96
N SER C 49 17.91 23.79 -7.07
CA SER C 49 17.07 22.94 -6.18
C SER C 49 17.42 23.24 -4.72
N VAL C 50 16.40 23.37 -3.88
CA VAL C 50 16.60 23.58 -2.44
C VAL C 50 16.14 22.34 -1.70
N LYS C 51 16.85 22.00 -0.62
CA LYS C 51 16.57 20.84 0.18
C LYS C 51 16.98 21.18 1.65
N ARG C 52 16.18 20.78 2.65
CA ARG C 52 16.54 21.01 4.07
C ARG C 52 17.55 20.00 4.51
N THR C 53 18.16 20.22 5.67
CA THR C 53 19.25 19.37 6.16
C THR C 53 18.91 18.62 7.45
N THR C 54 17.61 18.52 7.73
CA THR C 54 17.09 17.96 8.98
C THR C 54 16.52 16.52 8.80
N ARG C 55 16.29 16.07 7.55
CA ARG C 55 15.51 14.84 7.22
C ARG C 55 16.30 13.52 7.39
N LYS C 56 15.58 12.46 7.81
CA LYS C 56 16.18 11.14 8.09
C LYS C 56 15.65 10.08 7.12
N GLN C 58 12.81 9.93 8.24
CA GLN C 58 11.51 10.51 8.33
C GLN C 58 10.73 10.28 7.03
N THR C 59 9.44 9.96 7.16
CA THR C 59 8.54 9.81 5.99
C THR C 59 8.42 11.10 5.15
N ALA C 60 8.70 12.23 5.80
CA ALA C 60 8.71 13.53 5.16
C ALA C 60 9.40 14.48 6.10
N ASP C 61 9.66 15.69 5.62
CA ASP C 61 10.23 16.72 6.49
C ASP C 61 9.29 17.00 7.66
N GLY C 62 8.00 17.26 7.35
CA GLY C 62 7.14 17.77 8.43
C GLY C 62 5.74 17.28 8.40
N VAL C 63 4.95 17.84 9.32
CA VAL C 63 3.49 17.65 9.23
C VAL C 63 2.76 19.00 9.32
N ALA C 64 1.60 19.04 8.71
CA ALA C 64 0.66 20.15 8.81
C ALA C 64 -0.66 19.51 9.28
N VAL C 65 -1.32 20.14 10.24
CA VAL C 65 -2.46 19.56 10.87
C VAL C 65 -3.66 20.39 10.44
N ILE C 66 -4.70 19.74 9.92
CA ILE C 66 -5.96 20.36 9.65
C ILE C 66 -6.82 20.05 10.89
N PRO C 67 -6.95 21.01 11.83
CA PRO C 67 -7.57 20.68 13.08
C PRO C 67 -9.01 21.15 13.10
N VAL C 68 -9.89 20.19 13.07
CA VAL C 68 -11.31 20.49 12.97
C VAL C 68 -11.89 20.47 14.40
N LEU C 69 -12.21 21.65 14.86
CA LEU C 69 -12.81 21.84 16.22
C LEU C 69 -14.29 21.57 16.14
N GLN C 70 -14.72 20.51 16.79
CA GLN C 70 -16.05 19.98 16.79
C GLN C 70 -16.71 20.23 18.14
N ARG C 71 -17.93 20.77 18.09
CA ARG C 71 -18.71 21.07 19.34
C ARG C 71 -20.17 20.81 19.09
N THR C 72 -20.92 20.42 20.10
CA THR C 72 -22.29 19.97 19.84
C THR C 72 -23.15 21.13 19.40
N LEU C 73 -22.89 22.30 19.93
CA LEU C 73 -23.78 23.43 19.66
C LEU C 73 -23.40 24.28 18.44
N HIS C 74 -22.30 23.96 17.74
CA HIS C 74 -21.77 24.85 16.78
C HIS C 74 -21.39 24.22 15.48
N TYR C 75 -21.23 25.05 14.50
CA TYR C 75 -20.60 24.59 13.24
C TYR C 75 -19.12 24.38 13.49
N GLU C 76 -18.49 23.58 12.64
CA GLU C 76 -17.06 23.26 12.84
C GLU C 76 -16.23 24.46 12.61
N CYS C 77 -15.12 24.55 13.37
CA CYS C 77 -14.11 25.50 13.08
C CYS C 77 -12.88 24.84 12.63
N ILE C 78 -12.10 25.61 11.88
CA ILE C 78 -10.73 25.20 11.51
C ILE C 78 -9.75 26.03 12.37
N VAL C 79 -8.87 25.36 13.10
CA VAL C 79 -7.94 26.04 14.05
C VAL C 79 -6.69 26.33 13.27
N LEU C 80 -6.30 27.60 13.21
CA LEU C 80 -5.14 28.04 12.49
C LEU C 80 -4.22 28.76 13.49
N VAL C 81 -2.99 28.97 13.05
CA VAL C 81 -2.01 29.75 13.83
C VAL C 81 -1.45 30.90 13.07
N LYS C 82 -1.19 32.00 13.79
CA LYS C 82 -0.59 33.15 13.22
C LYS C 82 0.77 33.33 13.93
N GLN C 83 1.79 33.53 13.13
CA GLN C 83 3.15 33.71 13.64
C GLN C 83 3.97 34.55 12.70
N PHE C 84 5.00 35.16 13.31
CA PHE C 84 6.00 35.86 12.56
C PHE C 84 6.91 34.79 11.93
N ARG C 85 7.18 34.96 10.67
CA ARG C 85 7.96 34.06 9.87
C ARG C 85 9.07 34.90 9.25
N PRO C 86 10.32 34.68 9.71
CA PRO C 86 11.46 35.46 9.17
C PRO C 86 11.63 35.53 7.68
N PRO C 87 11.49 34.38 6.98
CA PRO C 87 11.66 34.46 5.56
C PRO C 87 10.66 35.39 4.88
N MET C 88 9.46 35.44 5.42
CA MET C 88 8.41 36.27 4.83
C MET C 88 8.53 37.75 5.28
N GLY C 89 9.24 38.00 6.38
CA GLY C 89 9.39 39.37 6.93
C GLY C 89 8.11 39.85 7.59
N GLY C 90 7.24 38.92 7.94
CA GLY C 90 5.94 39.29 8.43
C GLY C 90 5.18 38.09 8.96
N TYR C 91 3.94 38.36 9.29
CA TYR C 91 3.08 37.39 9.93
C TYR C 91 2.33 36.56 8.92
N CYS C 92 2.11 35.27 9.25
CA CYS C 92 1.45 34.36 8.30
C CYS C 92 0.43 33.57 9.00
N ILE C 93 -0.64 33.21 8.29
CA ILE C 93 -1.67 32.41 8.86
C ILE C 93 -1.54 30.98 8.24
N GLU C 94 -1.49 30.01 9.09
CA GLU C 94 -1.12 28.63 8.63
C GLU C 94 -1.80 27.57 9.41
N PRO C 96 -1.39 24.60 11.94
CA PRO C 96 -0.40 24.19 12.92
C PRO C 96 0.52 23.12 12.29
N ALA C 97 1.82 23.22 12.57
CA ALA C 97 2.80 22.47 11.87
C ALA C 97 4.17 22.52 12.55
N GLY C 98 4.92 21.44 12.32
CA GLY C 98 6.33 21.42 12.63
C GLY C 98 7.04 20.25 11.96
N LEU C 99 8.34 20.20 12.17
CA LEU C 99 9.14 19.05 11.71
C LEU C 99 8.87 17.81 12.60
N ILE C 100 8.81 16.66 11.94
CA ILE C 100 8.74 15.36 12.62
C ILE C 100 10.03 15.00 13.41
N ASP C 101 9.93 14.74 14.72
CA ASP C 101 11.11 14.37 15.53
C ASP C 101 11.69 13.02 15.10
N ASP C 102 12.93 12.77 15.53
CA ASP C 102 13.60 11.47 15.29
C ASP C 102 12.84 10.32 15.95
N GLY C 103 12.45 9.35 15.15
CA GLY C 103 11.69 8.19 15.63
C GLY C 103 10.18 8.44 15.78
N GLU C 104 9.70 9.62 15.36
CA GLU C 104 8.28 9.99 15.53
C GLU C 104 7.51 9.57 14.34
N THR C 105 6.35 8.99 14.58
CA THR C 105 5.39 8.85 13.52
C THR C 105 4.82 10.28 13.13
N PRO C 106 4.46 10.48 11.85
CA PRO C 106 3.73 11.69 11.48
C PRO C 106 2.52 11.92 12.41
N GLU C 107 1.77 10.85 12.70
CA GLU C 107 0.59 10.99 13.54
C GLU C 107 0.90 11.56 14.95
N ALA C 108 2.01 11.16 15.55
CA ALA C 108 2.32 11.56 16.90
C ALA C 108 2.85 12.99 16.82
N ALA C 109 3.61 13.26 15.76
CA ALA C 109 4.06 14.61 15.45
C ALA C 109 2.84 15.58 15.40
N ALA C 110 1.81 15.18 14.65
CA ALA C 110 0.63 15.97 14.39
C ALA C 110 -0.03 16.36 15.74
N LEU C 111 -0.27 15.38 16.61
CA LEU C 111 -0.91 15.64 17.93
C LEU C 111 -0.02 16.45 18.86
N ARG C 112 1.28 16.15 18.86
CA ARG C 112 2.24 16.97 19.59
C ARG C 112 2.33 18.43 19.06
N GLU C 113 2.45 18.62 17.76
CA GLU C 113 2.55 20.00 17.23
C GLU C 113 1.25 20.79 17.50
N LEU C 114 0.12 20.08 17.35
CA LEU C 114 -1.19 20.67 17.65
C LEU C 114 -1.31 21.07 19.11
N GLU C 115 -0.97 20.17 20.05
CA GLU C 115 -1.03 20.49 21.43
C GLU C 115 -0.08 21.65 21.80
N GLU C 116 1.11 21.66 21.22
CA GLU C 116 2.12 22.65 21.53
C GLU C 116 1.73 24.09 21.06
N GLU C 117 1.16 24.15 19.87
CA GLU C 117 0.91 25.37 19.15
C GLU C 117 -0.48 25.96 19.47
N THR C 118 -1.40 25.11 19.92
CA THR C 118 -2.75 25.55 20.22
C THR C 118 -3.29 25.24 21.60
N GLY C 119 -2.65 24.31 22.33
CA GLY C 119 -3.20 23.68 23.52
C GLY C 119 -4.29 22.67 23.30
N TYR C 120 -4.82 22.50 22.08
CA TYR C 120 -5.82 21.48 21.88
C TYR C 120 -5.28 20.05 21.89
N LYS C 121 -6.07 19.19 22.48
CA LYS C 121 -5.86 17.78 22.42
C LYS C 121 -6.80 17.12 21.44
N GLY C 122 -6.24 16.52 20.40
CA GLY C 122 -7.00 15.97 19.30
C GLY C 122 -6.87 14.48 19.08
N ASP C 123 -7.64 14.01 18.12
CA ASP C 123 -7.71 12.62 17.70
C ASP C 123 -7.40 12.59 16.19
N ILE C 124 -6.57 11.62 15.76
CA ILE C 124 -6.28 11.52 14.34
C ILE C 124 -7.50 11.07 13.56
N ALA C 125 -7.84 11.75 12.46
CA ALA C 125 -8.84 11.26 11.54
C ALA C 125 -8.18 10.56 10.34
N GLU C 126 -7.15 11.14 9.81
CA GLU C 126 -6.62 10.74 8.52
C GLU C 126 -5.18 11.26 8.45
N CYS C 127 -4.36 10.62 7.63
CA CYS C 127 -3.00 11.10 7.43
C CYS C 127 -2.66 10.91 5.95
N SER C 128 -2.30 11.99 5.26
CA SER C 128 -1.94 11.94 3.83
C SER C 128 -0.64 11.19 3.65
N PRO C 129 -0.39 10.77 2.40
CA PRO C 129 1.00 10.40 2.10
C PRO C 129 1.90 11.66 2.06
N ALA C 130 3.22 11.50 2.01
CA ALA C 130 4.09 12.65 1.65
C ALA C 130 3.64 13.42 0.39
N VAL C 131 3.36 14.74 0.58
CA VAL C 131 2.91 15.67 -0.48
C VAL C 131 3.93 16.80 -0.60
N CYS C 132 4.15 17.24 -1.83
CA CYS C 132 5.26 18.17 -2.11
C CYS C 132 4.77 19.61 -1.72
N MET C 133 5.65 20.40 -1.14
CA MET C 133 5.37 21.85 -0.82
C MET C 133 5.55 22.86 -1.95
N ASP C 134 6.68 22.77 -2.62
CA ASP C 134 6.98 23.69 -3.71
C ASP C 134 7.93 22.96 -4.65
N PRO C 135 7.37 22.05 -5.50
CA PRO C 135 8.20 21.08 -6.24
C PRO C 135 9.06 21.65 -7.41
N GLY C 136 8.70 22.82 -7.96
CA GLY C 136 9.52 23.61 -8.92
C GLY C 136 10.78 24.25 -8.31
N LEU C 137 10.91 24.17 -6.99
CA LEU C 137 11.98 24.78 -6.24
C LEU C 137 12.58 23.96 -5.13
N SER C 138 11.84 23.10 -4.46
CA SER C 138 12.44 22.41 -3.32
C SER C 138 11.89 21.02 -3.35
N ASN C 139 12.53 20.14 -2.61
CA ASN C 139 11.99 18.77 -2.48
C ASN C 139 11.17 18.61 -1.20
N CYS C 140 10.95 19.70 -0.46
CA CYS C 140 10.23 19.62 0.83
C CYS C 140 8.88 18.90 0.79
N THR C 141 8.67 18.01 1.76
CA THR C 141 7.44 17.23 1.86
C THR C 141 6.82 17.33 3.27
N ILE C 142 5.50 17.22 3.30
CA ILE C 142 4.84 17.02 4.58
C ILE C 142 3.85 15.88 4.52
N HIS C 143 3.36 15.45 5.69
CA HIS C 143 2.05 14.78 5.75
C HIS C 143 1.01 15.80 6.25
N ILE C 144 -0.13 15.85 5.58
CA ILE C 144 -1.26 16.63 5.97
C ILE C 144 -2.12 15.65 6.78
N VAL C 145 -2.18 15.92 8.08
CA VAL C 145 -2.86 15.10 8.99
C VAL C 145 -4.14 15.83 9.49
N THR C 146 -5.28 15.25 9.16
CA THR C 146 -6.56 15.71 9.66
C THR C 146 -6.76 15.27 11.10
N VAL C 147 -7.08 16.22 12.00
CA VAL C 147 -7.25 15.91 13.41
C VAL C 147 -8.56 16.51 13.90
N THR C 148 -9.41 15.72 14.52
CA THR C 148 -10.69 16.24 15.12
C THR C 148 -10.38 16.66 16.53
N ILE C 149 -10.94 17.80 16.98
CA ILE C 149 -10.81 18.18 18.37
C ILE C 149 -12.21 18.23 18.99
N ASN C 150 -12.45 17.46 20.08
CA ASN C 150 -13.71 17.52 20.82
C ASN C 150 -13.61 18.77 21.68
N GLY C 151 -14.15 19.85 21.13
CA GLY C 151 -14.33 21.11 21.86
C GLY C 151 -15.19 21.09 23.10
N ASP C 152 -16.01 20.10 23.29
CA ASP C 152 -16.87 20.05 24.46
C ASP C 152 -16.29 19.23 25.61
N ASP C 153 -15.24 18.46 25.32
CA ASP C 153 -14.59 17.66 26.35
C ASP C 153 -13.97 18.65 27.31
N ALA C 154 -14.12 18.37 28.61
CA ALA C 154 -13.61 19.25 29.63
C ALA C 154 -12.10 19.46 29.46
N GLU C 155 -11.35 18.42 29.06
CA GLU C 155 -9.91 18.60 28.82
C GLU C 155 -9.54 19.67 27.80
N ASN C 156 -10.47 20.03 26.90
CA ASN C 156 -10.20 21.03 25.92
C ASN C 156 -10.88 22.36 26.29
N ALA C 157 -11.33 22.51 27.53
CA ALA C 157 -12.07 23.72 27.91
C ALA C 157 -11.24 24.99 27.83
N ARG C 158 -9.99 24.94 28.26
CA ARG C 158 -9.18 26.12 28.35
C ARG C 158 -7.87 25.82 27.71
N PRO C 159 -7.85 25.56 26.40
CA PRO C 159 -6.60 25.27 25.71
C PRO C 159 -5.51 26.34 25.92
N LYS C 160 -4.30 25.92 26.30
CA LYS C 160 -3.14 26.85 26.40
C LYS C 160 -2.00 26.34 25.57
N PRO C 161 -1.59 27.10 24.54
CA PRO C 161 -0.41 26.61 23.88
C PRO C 161 0.71 26.44 24.92
N LYS C 162 1.59 25.46 24.75
CA LYS C 162 2.90 25.47 25.45
C LYS C 162 3.95 25.39 24.34
N PRO C 163 4.33 26.55 23.75
CA PRO C 163 5.20 26.43 22.59
C PRO C 163 6.68 26.41 23.01
N GLY C 164 7.54 26.10 22.05
CA GLY C 164 8.98 26.03 22.30
C GLY C 164 9.57 27.41 22.56
N ASP C 165 10.81 27.41 23.03
CA ASP C 165 11.71 28.56 22.94
C ASP C 165 11.84 28.95 21.49
N GLY C 166 11.78 30.23 21.19
CA GLY C 166 11.70 30.63 19.79
C GLY C 166 10.28 30.68 19.21
N GLU C 167 9.32 29.93 19.76
CA GLU C 167 7.97 29.88 19.21
C GLU C 167 7.02 30.83 19.92
N PHE C 168 6.36 31.67 19.12
CA PHE C 168 5.42 32.68 19.57
C PHE C 168 4.21 32.51 18.63
N VAL C 169 3.13 31.98 19.16
CA VAL C 169 2.02 31.52 18.34
C VAL C 169 0.75 32.12 18.84
N GLU C 170 -0.10 32.57 17.91
CA GLU C 170 -1.42 33.04 18.26
C GLU C 170 -2.38 32.15 17.58
N VAL C 171 -3.43 31.75 18.28
CA VAL C 171 -4.42 30.80 17.74
C VAL C 171 -5.64 31.56 17.25
N ILE C 172 -6.06 31.20 16.03
CA ILE C 172 -7.22 31.76 15.36
C ILE C 172 -8.11 30.62 14.86
N SER C 173 -9.31 30.45 15.44
CA SER C 173 -10.28 29.46 14.98
C SER C 173 -11.36 30.09 14.11
N LEU C 174 -11.50 29.60 12.88
CA LEU C 174 -12.46 30.20 11.95
C LEU C 174 -13.46 29.18 11.48
N PRO C 175 -14.75 29.58 11.28
CA PRO C 175 -15.73 28.58 10.91
C PRO C 175 -15.44 27.93 9.53
N LYS C 176 -15.55 26.60 9.45
CA LYS C 176 -15.25 25.90 8.22
C LYS C 176 -16.19 26.36 7.05
N ASN C 177 -17.46 26.54 7.37
CA ASN C 177 -18.50 26.99 6.41
C ASN C 177 -18.38 28.47 5.96
N ASP C 178 -17.40 29.18 6.50
CA ASP C 178 -17.15 30.55 6.05
C ASP C 178 -15.67 30.87 5.94
N LEU C 179 -14.87 29.85 5.60
CA LEU C 179 -13.41 30.00 5.79
C LEU C 179 -12.79 31.09 4.99
N LEU C 180 -12.97 30.99 3.68
CA LEU C 180 -12.34 31.89 2.74
C LEU C 180 -12.67 33.35 3.04
N GLN C 181 -13.97 33.64 3.19
CA GLN C 181 -14.42 35.00 3.54
C GLN C 181 -13.79 35.49 4.87
N ARG C 182 -13.77 34.63 5.87
CA ARG C 182 -13.14 34.98 7.10
C ARG C 182 -11.64 35.22 6.96
N LEU C 183 -10.93 34.45 6.11
CA LEU C 183 -9.50 34.69 5.85
C LEU C 183 -9.28 36.04 5.13
N ASP C 184 -10.11 36.26 4.11
CA ASP C 184 -10.18 37.53 3.40
C ASP C 184 -10.34 38.71 4.34
N ALA C 185 -11.13 38.55 5.37
CA ALA C 185 -11.34 39.66 6.31
C ALA C 185 -10.12 39.90 7.21
N LEU C 186 -9.41 38.85 7.65
CA LEU C 186 -8.16 39.07 8.44
C LEU C 186 -7.12 39.78 7.69
N VAL C 187 -7.01 39.40 6.42
CA VAL C 187 -6.09 39.95 5.47
C VAL C 187 -6.38 41.42 5.14
N ALA C 188 -7.64 41.85 5.29
CA ALA C 188 -8.04 43.24 5.04
C ALA C 188 -7.69 44.14 6.21
N GLU C 189 -7.87 43.62 7.43
CA GLU C 189 -7.54 44.36 8.64
C GLU C 189 -6.02 44.56 8.92
N GLU C 190 -5.15 43.67 8.41
CA GLU C 190 -3.71 43.69 8.71
C GLU C 190 -2.92 43.25 7.53
N HIS C 191 -1.63 43.60 7.45
CA HIS C 191 -0.78 42.81 6.57
C HIS C 191 -0.32 41.53 7.25
N LEU C 192 -1.06 40.50 6.88
CA LEU C 192 -0.58 39.17 7.03
C LEU C 192 -0.78 38.42 5.74
N THR C 193 -0.13 37.27 5.65
CA THR C 193 -0.14 36.44 4.44
C THR C 193 -0.81 35.10 4.85
N VAL C 194 -1.74 34.63 4.04
CA VAL C 194 -2.30 33.32 4.27
C VAL C 194 -1.45 32.24 3.56
N ASP C 195 -1.24 31.12 4.22
CA ASP C 195 -0.53 29.95 3.61
C ASP C 195 -1.30 29.41 2.41
N ALA C 196 -0.59 29.08 1.34
CA ALA C 196 -1.19 28.44 0.15
C ALA C 196 -2.04 27.17 0.35
N ARG C 197 -1.64 26.33 1.28
CA ARG C 197 -2.43 25.10 1.59
C ARG C 197 -3.70 25.45 2.33
N VAL C 198 -3.61 26.42 3.23
CA VAL C 198 -4.80 26.92 3.88
C VAL C 198 -5.79 27.51 2.87
N TYR C 199 -5.34 28.39 2.00
CA TYR C 199 -6.18 29.01 0.99
C TYR C 199 -6.79 28.02 -0.01
N SER C 200 -6.03 27.02 -0.38
CA SER C 200 -6.51 25.94 -1.30
C SER C 200 -7.60 25.19 -0.66
N TYR C 201 -7.37 24.92 0.63
CA TYR C 201 -8.38 24.23 1.44
C TYR C 201 -9.64 25.08 1.50
N ALA C 202 -9.49 26.37 1.85
CA ALA C 202 -10.65 27.29 1.85
C ALA C 202 -11.42 27.40 0.51
N LEU C 203 -10.69 27.40 -0.57
CA LEU C 203 -11.29 27.55 -1.89
C LEU C 203 -12.18 26.30 -2.19
N ALA C 204 -11.62 25.13 -1.95
CA ALA C 204 -12.38 23.86 -2.15
C ALA C 204 -13.60 23.80 -1.25
N LEU C 205 -13.50 24.32 -0.02
CA LEU C 205 -14.68 24.30 0.83
C LEU C 205 -15.77 25.13 0.13
N LYS C 206 -15.43 26.32 -0.35
CA LYS C 206 -16.37 27.19 -1.10
C LYS C 206 -16.94 26.54 -2.39
N HIS C 207 -16.07 25.91 -3.15
CA HIS C 207 -16.44 25.31 -4.42
C HIS C 207 -17.21 24.00 -4.32
N ALA C 208 -17.13 23.28 -3.20
CA ALA C 208 -17.77 21.95 -3.20
C ALA C 208 -19.27 22.03 -3.34
N LYS D 15 5.19 44.07 16.70
CA LYS D 15 5.83 43.31 17.83
C LYS D 15 7.18 42.73 17.38
N GLN D 16 7.20 41.86 16.36
CA GLN D 16 8.45 41.33 15.81
C GLN D 16 8.84 42.01 14.54
N TYR D 17 10.15 42.04 14.24
CA TYR D 17 10.60 42.62 12.97
C TYR D 17 11.94 42.09 12.49
N ILE D 18 12.25 42.35 11.22
CA ILE D 18 13.52 41.99 10.57
C ILE D 18 14.54 43.07 11.01
N ILE D 19 15.70 42.65 11.50
CA ILE D 19 16.82 43.54 11.88
C ILE D 19 17.73 43.62 10.68
N SER D 20 18.14 42.45 10.15
CA SER D 20 19.00 42.36 8.98
C SER D 20 18.86 41.05 8.22
N GLU D 21 19.29 41.10 6.97
CA GLU D 21 19.28 39.99 6.05
C GLU D 21 20.63 39.89 5.28
N GLU D 22 21.47 38.92 5.67
CA GLU D 22 22.81 38.74 5.10
C GLU D 22 22.71 37.72 3.96
N LEU D 23 23.13 38.11 2.75
CA LEU D 23 23.18 37.19 1.59
C LEU D 23 24.21 36.14 1.89
N ILE D 24 23.81 34.86 1.98
CA ILE D 24 24.82 33.79 2.24
C ILE D 24 25.29 33.19 0.92
N SER D 25 24.38 32.91 -0.03
CA SER D 25 24.80 32.38 -1.34
C SER D 25 23.71 32.52 -2.42
N GLU D 26 24.04 33.23 -3.51
CA GLU D 26 23.12 33.57 -4.60
C GLU D 26 23.36 32.56 -5.73
N GLY D 27 22.74 32.77 -6.88
CA GLY D 27 22.67 31.75 -7.94
C GLY D 27 21.71 32.14 -9.03
N LYS D 28 21.55 31.29 -10.04
CA LYS D 28 20.77 31.64 -11.24
C LYS D 28 19.30 31.96 -10.99
N TRP D 29 18.66 31.29 -10.02
CA TRP D 29 17.21 31.43 -9.82
C TRP D 29 16.81 31.57 -8.35
N VAL D 30 17.75 31.29 -7.46
CA VAL D 30 17.45 31.06 -6.07
C VAL D 30 18.64 31.50 -5.24
N LYS D 31 18.36 31.98 -4.03
CA LYS D 31 19.41 32.44 -3.08
C LYS D 31 19.00 32.14 -1.63
N LEU D 32 19.95 32.31 -0.70
CA LEU D 32 19.87 31.86 0.68
C LEU D 32 20.47 32.92 1.65
N GLU D 33 19.95 33.05 2.89
CA GLU D 33 20.30 34.18 3.79
C GLU D 33 20.20 33.92 5.29
N LYS D 34 21.13 34.50 6.06
CA LYS D 34 20.99 34.59 7.50
C LYS D 34 20.12 35.84 7.81
N THR D 35 18.97 35.59 8.43
CA THR D 35 17.99 36.61 8.77
C THR D 35 18.10 36.85 10.26
N THR D 36 18.28 38.09 10.67
CA THR D 36 18.24 38.41 12.11
C THR D 36 16.92 39.10 12.41
N TYR D 37 16.32 38.84 13.57
CA TYR D 37 15.01 39.45 13.85
C TYR D 37 14.83 39.55 15.31
N MET D 38 14.00 40.48 15.71
CA MET D 38 13.67 40.69 17.08
C MET D 38 12.40 39.91 17.35
N ASP D 39 12.44 39.07 18.39
CA ASP D 39 11.27 38.33 18.87
C ASP D 39 10.43 39.19 19.80
N PRO D 40 9.27 38.71 20.24
CA PRO D 40 8.44 39.60 21.08
C PRO D 40 9.06 40.00 22.45
N THR D 41 9.90 39.14 23.01
CA THR D 41 10.55 39.40 24.31
C THR D 41 11.49 40.63 24.23
N GLY D 42 12.00 40.93 23.03
CA GLY D 42 13.07 41.93 22.82
C GLY D 42 14.43 41.29 22.56
N LYS D 43 14.44 40.07 22.08
CA LYS D 43 15.66 39.30 21.90
C LYS D 43 15.92 39.12 20.41
N THR D 44 17.18 39.29 20.00
CA THR D 44 17.60 38.95 18.64
C THR D 44 17.64 37.45 18.55
N ARG D 45 17.14 36.90 17.44
CA ARG D 45 17.39 35.51 17.05
C ARG D 45 17.70 35.50 15.57
N THR D 46 18.06 34.36 15.00
CA THR D 46 18.30 34.29 13.54
C THR D 46 17.59 33.12 12.86
N TRP D 47 17.73 33.01 11.53
CA TRP D 47 16.93 32.11 10.70
C TRP D 47 17.53 32.01 9.30
N GLU D 48 17.55 30.85 8.68
CA GLU D 48 18.04 30.70 7.30
C GLU D 48 16.86 30.66 6.35
N SER D 49 16.88 31.55 5.35
CA SER D 49 15.74 31.83 4.47
C SER D 49 16.10 31.76 2.98
N VAL D 50 15.15 31.28 2.18
CA VAL D 50 15.32 31.10 0.75
C VAL D 50 14.45 32.11 0.00
N LYS D 51 15.02 32.77 -1.02
CA LYS D 51 14.24 33.62 -1.91
C LYS D 51 14.61 33.38 -3.37
N ARG D 52 13.66 33.60 -4.28
CA ARG D 52 13.90 33.56 -5.72
C ARG D 52 14.43 34.93 -6.13
N THR D 53 15.03 35.00 -7.32
CA THR D 53 15.69 36.22 -7.80
C THR D 53 15.12 36.75 -9.08
N THR D 54 13.95 36.25 -9.49
CA THR D 54 13.30 36.72 -10.71
C THR D 54 12.11 37.59 -10.28
N ALA D 60 3.80 38.85 -6.50
CA ALA D 60 4.03 37.44 -6.21
C ALA D 60 4.94 36.77 -7.29
N ASP D 61 5.58 35.68 -6.93
CA ASP D 61 6.51 34.97 -7.84
C ASP D 61 5.84 34.21 -9.00
N GLY D 62 4.79 33.42 -8.68
CA GLY D 62 3.98 32.73 -9.69
C GLY D 62 2.45 32.76 -9.51
N VAL D 63 1.80 31.98 -10.37
CA VAL D 63 0.36 31.72 -10.29
C VAL D 63 0.18 30.20 -10.28
N ALA D 64 -0.89 29.74 -9.67
CA ALA D 64 -1.31 28.32 -9.83
C ALA D 64 -2.71 28.40 -10.23
N VAL D 65 -3.14 27.53 -11.13
CA VAL D 65 -4.46 27.67 -11.65
C VAL D 65 -5.23 26.45 -11.14
N ILE D 66 -6.44 26.72 -10.67
CA ILE D 66 -7.43 25.71 -10.33
C ILE D 66 -8.41 25.64 -11.49
N PRO D 67 -8.21 24.67 -12.42
CA PRO D 67 -9.08 24.77 -13.59
C PRO D 67 -10.28 23.77 -13.57
N VAL D 68 -11.50 24.30 -13.52
CA VAL D 68 -12.72 23.51 -13.45
C VAL D 68 -13.31 23.40 -14.87
N LEU D 69 -13.22 22.21 -15.47
CA LEU D 69 -13.80 21.91 -16.82
C LEU D 69 -15.31 21.56 -16.76
N GLN D 70 -16.14 22.43 -17.32
CA GLN D 70 -17.60 22.35 -17.16
C GLN D 70 -18.29 22.10 -18.51
N ARG D 71 -18.92 20.91 -18.66
CA ARG D 71 -19.86 20.59 -19.76
C ARG D 71 -21.31 20.44 -19.23
N THR D 72 -22.28 21.04 -19.92
CA THR D 72 -23.71 20.90 -19.51
C THR D 72 -24.08 19.43 -19.52
N LEU D 73 -24.87 18.97 -18.56
CA LEU D 73 -25.26 17.56 -18.53
C LEU D 73 -24.10 16.59 -18.18
N HIS D 74 -23.01 17.11 -17.61
CA HIS D 74 -21.89 16.28 -17.20
C HIS D 74 -21.36 16.80 -15.86
N TYR D 75 -20.57 15.95 -15.20
CA TYR D 75 -19.87 16.25 -13.91
C TYR D 75 -18.82 17.28 -14.28
N GLU D 76 -18.31 17.98 -13.26
CA GLU D 76 -17.09 18.83 -13.41
C GLU D 76 -15.83 18.01 -13.20
N CYS D 77 -14.76 18.40 -13.86
CA CYS D 77 -13.44 17.77 -13.71
C CYS D 77 -12.42 18.86 -13.44
N ILE D 78 -11.33 18.46 -12.79
CA ILE D 78 -10.32 19.39 -12.30
C ILE D 78 -9.11 19.04 -13.15
N VAL D 79 -8.64 20.01 -13.94
CA VAL D 79 -7.59 19.71 -14.90
C VAL D 79 -6.25 19.89 -14.14
N LEU D 80 -5.55 18.81 -13.96
CA LEU D 80 -4.20 18.84 -13.35
C LEU D 80 -3.19 18.60 -14.45
N VAL D 81 -1.90 18.70 -14.10
CA VAL D 81 -0.84 18.41 -15.04
C VAL D 81 0.21 17.68 -14.28
N LYS D 82 0.91 16.74 -14.94
CA LYS D 82 2.13 16.07 -14.36
C LYS D 82 3.28 16.35 -15.27
N GLN D 83 4.45 16.32 -14.65
CA GLN D 83 5.73 16.72 -15.19
C GLN D 83 6.77 16.36 -14.13
N PHE D 84 8.01 16.28 -14.58
CA PHE D 84 9.17 15.90 -13.79
C PHE D 84 9.66 17.18 -13.13
N ARG D 85 9.92 17.07 -11.83
CA ARG D 85 10.37 18.21 -11.04
C ARG D 85 11.75 17.84 -10.55
N PRO D 86 12.80 18.45 -11.12
CA PRO D 86 14.16 18.16 -10.66
C PRO D 86 14.43 18.27 -9.20
N PRO D 87 13.86 19.29 -8.52
CA PRO D 87 14.15 19.27 -7.07
C PRO D 87 13.54 18.01 -6.33
N MET D 88 12.43 17.48 -6.83
CA MET D 88 11.77 16.31 -6.22
C MET D 88 12.38 15.02 -6.76
N GLY D 89 13.18 15.10 -7.82
CA GLY D 89 13.61 13.87 -8.46
C GLY D 89 12.46 13.02 -8.99
N GLY D 90 11.31 13.62 -9.33
CA GLY D 90 10.22 12.72 -9.73
C GLY D 90 9.13 13.47 -10.39
N TYR D 91 8.11 12.75 -10.82
CA TYR D 91 6.98 13.39 -11.45
C TYR D 91 6.01 13.85 -10.30
N CYS D 92 5.36 15.02 -10.49
CA CYS D 92 4.49 15.56 -9.51
C CYS D 92 3.19 15.88 -10.22
N ILE D 93 2.11 15.71 -9.50
CA ILE D 93 0.80 16.09 -10.00
C ILE D 93 0.51 17.42 -9.29
N GLU D 94 0.25 18.45 -10.11
CA GLU D 94 0.08 19.80 -9.61
C GLU D 94 -0.98 20.46 -10.36
N PHE D 95 -1.38 21.60 -9.81
CA PHE D 95 -2.26 22.50 -10.52
C PHE D 95 -1.32 23.06 -11.60
N PRO D 96 -1.84 23.32 -12.77
CA PRO D 96 -0.92 24.04 -13.71
C PRO D 96 -0.46 25.37 -13.09
N ALA D 97 0.83 25.65 -13.23
CA ALA D 97 1.49 26.73 -12.52
C ALA D 97 2.47 27.41 -13.47
N GLY D 98 2.88 28.64 -13.14
CA GLY D 98 3.98 29.30 -13.83
C GLY D 98 4.39 30.63 -13.19
N LEU D 99 5.63 31.07 -13.42
CA LEU D 99 6.05 32.40 -12.92
C LEU D 99 5.35 33.47 -13.71
N ILE D 100 5.23 34.63 -13.07
CA ILE D 100 4.57 35.75 -13.69
C ILE D 100 5.70 36.48 -14.42
N ASP D 101 5.39 36.90 -15.64
CA ASP D 101 6.32 37.63 -16.51
C ASP D 101 6.12 39.12 -16.24
N ASP D 102 7.22 39.88 -16.15
CA ASP D 102 7.14 41.34 -15.89
C ASP D 102 6.19 41.97 -16.92
N GLY D 103 5.20 42.74 -16.44
CA GLY D 103 4.16 43.30 -17.30
C GLY D 103 2.78 42.77 -16.96
N GLU D 104 2.55 41.49 -17.28
CA GLU D 104 1.22 40.83 -17.16
C GLU D 104 0.72 40.68 -15.72
N THR D 105 -0.59 40.83 -15.57
CA THR D 105 -1.27 40.66 -14.29
C THR D 105 -1.28 39.14 -13.94
N PRO D 106 -1.55 38.79 -12.67
CA PRO D 106 -1.84 37.38 -12.31
C PRO D 106 -2.93 36.69 -13.17
N GLU D 107 -4.04 37.39 -13.43
CA GLU D 107 -5.12 36.78 -14.19
C GLU D 107 -4.74 36.46 -15.62
N ALA D 108 -3.90 37.29 -16.25
CA ALA D 108 -3.54 37.10 -17.67
C ALA D 108 -2.53 35.96 -17.70
N ALA D 109 -1.65 35.94 -16.71
CA ALA D 109 -0.68 34.85 -16.61
C ALA D 109 -1.40 33.49 -16.32
N ALA D 110 -2.49 33.51 -15.54
CA ALA D 110 -3.20 32.27 -15.28
C ALA D 110 -3.78 31.73 -16.60
N LEU D 111 -4.59 32.56 -17.30
CA LEU D 111 -5.22 32.12 -18.54
C LEU D 111 -4.13 31.74 -19.54
N ARG D 112 -3.03 32.48 -19.52
CA ARG D 112 -1.93 32.19 -20.44
C ARG D 112 -1.29 30.87 -20.09
N GLU D 113 -0.85 30.72 -18.86
CA GLU D 113 -0.16 29.46 -18.47
C GLU D 113 -1.12 28.19 -18.45
N LEU D 114 -2.42 28.36 -18.21
CA LEU D 114 -3.37 27.25 -18.41
C LEU D 114 -3.50 26.90 -19.91
N GLU D 115 -3.63 27.89 -20.82
CA GLU D 115 -3.56 27.58 -22.28
C GLU D 115 -2.22 26.96 -22.73
N GLU D 116 -1.06 27.45 -22.28
CA GLU D 116 0.21 26.72 -22.56
C GLU D 116 0.27 25.30 -22.10
N GLU D 117 -0.15 25.05 -20.86
CA GLU D 117 0.17 23.73 -20.24
C GLU D 117 -0.90 22.67 -20.54
N THR D 118 -2.07 23.13 -20.96
CA THR D 118 -3.26 22.27 -21.12
C THR D 118 -3.99 22.45 -22.45
N GLY D 119 -3.89 23.63 -23.05
CA GLY D 119 -4.55 23.93 -24.31
C GLY D 119 -5.92 24.57 -24.10
N TYR D 120 -6.44 24.58 -22.87
CA TYR D 120 -7.76 25.15 -22.64
C TYR D 120 -7.74 26.70 -22.50
N LYS D 121 -8.88 27.31 -22.71
CA LYS D 121 -9.09 28.75 -22.77
C LYS D 121 -10.15 28.93 -21.71
N GLY D 122 -9.77 29.67 -20.65
CA GLY D 122 -10.55 29.78 -19.43
C GLY D 122 -11.31 31.08 -19.36
N ASP D 123 -12.17 31.13 -18.37
CA ASP D 123 -12.83 32.34 -17.92
C ASP D 123 -12.39 32.51 -16.46
N ILE D 124 -11.93 33.70 -16.10
CA ILE D 124 -11.50 33.93 -14.72
C ILE D 124 -12.71 33.99 -13.80
N ALA D 125 -12.72 33.15 -12.75
CA ALA D 125 -13.76 33.15 -11.71
C ALA D 125 -13.33 33.92 -10.47
N GLU D 126 -12.07 33.83 -10.10
CA GLU D 126 -11.58 34.53 -8.88
C GLU D 126 -10.09 34.38 -8.82
N CYS D 127 -9.46 35.24 -8.01
CA CYS D 127 -8.00 35.28 -7.92
C CYS D 127 -7.63 35.69 -6.51
N SER D 128 -6.72 34.93 -5.91
CA SER D 128 -6.34 35.11 -4.51
C SER D 128 -5.36 36.27 -4.39
N PRO D 129 -5.24 36.84 -3.18
CA PRO D 129 -4.03 37.62 -2.94
C PRO D 129 -2.81 36.71 -2.93
N ALA D 130 -1.62 37.27 -2.79
CA ALA D 130 -0.46 36.49 -2.72
C ALA D 130 -0.45 35.64 -1.42
N VAL D 131 -0.24 34.35 -1.64
CA VAL D 131 -0.31 33.35 -0.55
C VAL D 131 1.09 32.74 -0.53
N CYS D 132 1.55 32.34 0.65
CA CYS D 132 2.91 31.87 0.86
C CYS D 132 3.00 30.35 0.65
N MET D 133 4.09 29.93 -0.01
CA MET D 133 4.31 28.57 -0.38
C MET D 133 4.88 27.71 0.76
N ASP D 134 5.85 28.22 1.51
CA ASP D 134 6.43 27.49 2.64
C ASP D 134 7.13 28.47 3.58
N PRO D 135 6.35 29.15 4.46
CA PRO D 135 6.89 30.41 4.99
C PRO D 135 7.94 30.23 6.01
N GLY D 136 7.96 29.09 6.71
CA GLY D 136 9.07 28.74 7.58
C GLY D 136 10.43 28.51 6.85
N LEU D 137 10.43 28.61 5.53
CA LEU D 137 11.60 28.33 4.68
C LEU D 137 11.87 29.40 3.65
N SER D 138 10.86 29.79 2.89
CA SER D 138 11.06 30.62 1.72
C SER D 138 10.10 31.80 1.74
N ASN D 139 10.32 32.76 0.86
CA ASN D 139 9.44 33.91 0.85
C ASN D 139 8.56 33.82 -0.34
N CYS D 140 8.53 32.67 -1.04
CA CYS D 140 7.86 32.64 -2.33
C CYS D 140 6.34 32.63 -2.17
N THR D 141 5.69 33.25 -3.12
CA THR D 141 4.26 33.44 -3.08
C THR D 141 3.70 33.17 -4.44
N ILE D 142 2.42 32.88 -4.46
CA ILE D 142 1.65 32.83 -5.64
C ILE D 142 0.28 33.45 -5.49
N HIS D 143 -0.34 33.71 -6.61
CA HIS D 143 -1.77 33.89 -6.65
C HIS D 143 -2.33 32.54 -7.08
N ILE D 144 -3.33 32.09 -6.34
CA ILE D 144 -4.16 30.97 -6.77
C ILE D 144 -5.36 31.50 -7.52
N VAL D 145 -5.42 31.18 -8.82
CA VAL D 145 -6.46 31.66 -9.68
C VAL D 145 -7.39 30.54 -10.07
N THR D 146 -8.69 30.70 -9.78
CA THR D 146 -9.74 29.75 -10.09
C THR D 146 -10.29 30.11 -11.50
N VAL D 147 -10.26 29.13 -12.40
CA VAL D 147 -10.56 29.31 -13.85
C VAL D 147 -11.62 28.31 -14.39
N THR D 148 -12.73 28.79 -14.95
CA THR D 148 -13.78 27.87 -15.46
C THR D 148 -13.59 27.68 -16.94
N ILE D 149 -13.58 26.43 -17.40
CA ILE D 149 -13.41 26.17 -18.85
C ILE D 149 -14.82 25.91 -19.40
N ASN D 150 -15.12 26.36 -20.61
CA ASN D 150 -16.46 26.19 -21.18
C ASN D 150 -16.28 25.06 -22.19
N GLY D 151 -16.45 23.80 -21.74
CA GLY D 151 -16.05 22.61 -22.52
C GLY D 151 -17.06 22.28 -23.61
N ASP D 152 -18.16 23.03 -23.64
CA ASP D 152 -19.11 23.07 -24.77
C ASP D 152 -18.68 23.95 -25.97
N ASP D 153 -17.86 24.97 -25.71
CA ASP D 153 -17.32 25.83 -26.76
C ASP D 153 -16.33 25.03 -27.63
N ALA D 154 -16.38 25.28 -28.93
CA ALA D 154 -15.53 24.59 -29.93
C ALA D 154 -14.01 24.68 -29.63
N GLU D 155 -13.55 25.85 -29.18
CA GLU D 155 -12.13 26.07 -28.88
C GLU D 155 -11.59 25.08 -27.85
N ASN D 156 -12.48 24.58 -26.99
CA ASN D 156 -12.11 23.58 -26.00
C ASN D 156 -12.62 22.19 -26.32
N ALA D 157 -12.81 21.89 -27.59
CA ALA D 157 -13.32 20.59 -27.99
C ALA D 157 -12.38 19.45 -27.58
N ARG D 158 -11.10 19.59 -27.92
CA ARG D 158 -10.10 18.58 -27.57
C ARG D 158 -8.68 19.15 -27.74
N PRO D 159 -8.48 20.40 -27.30
CA PRO D 159 -7.24 21.16 -27.44
C PRO D 159 -5.99 20.41 -26.98
N LYS D 160 -4.83 20.86 -27.46
CA LYS D 160 -3.49 20.28 -27.11
C LYS D 160 -2.51 21.37 -26.65
N PRO D 161 -1.56 21.04 -25.75
CA PRO D 161 -0.74 22.07 -25.11
C PRO D 161 0.33 22.65 -26.00
N LYS D 162 0.64 23.95 -25.83
CA LYS D 162 1.83 24.61 -26.43
C LYS D 162 2.95 24.88 -25.37
N PRO D 163 3.83 23.90 -25.13
CA PRO D 163 4.91 24.16 -24.15
C PRO D 163 5.96 25.13 -24.66
N GLY D 164 6.68 25.75 -23.72
CA GLY D 164 7.95 26.41 -24.02
C GLY D 164 9.03 25.36 -24.22
N ASP D 165 10.25 25.78 -24.53
CA ASP D 165 11.40 24.86 -24.65
C ASP D 165 11.71 24.38 -23.22
N GLY D 166 12.06 23.11 -23.10
CA GLY D 166 12.19 22.50 -21.79
C GLY D 166 10.95 22.31 -20.94
N GLU D 167 9.74 22.56 -21.48
CA GLU D 167 8.47 22.32 -20.74
C GLU D 167 7.78 21.08 -21.31
N PHE D 168 7.56 20.06 -20.45
CA PHE D 168 6.92 18.78 -20.84
C PHE D 168 5.93 18.37 -19.76
N VAL D 169 4.65 18.37 -20.12
CA VAL D 169 3.57 18.19 -19.16
C VAL D 169 2.47 17.28 -19.70
N GLU D 170 2.04 16.27 -18.91
CA GLU D 170 0.81 15.52 -19.23
C GLU D 170 -0.39 16.18 -18.54
N VAL D 171 -1.47 16.42 -19.27
CA VAL D 171 -2.75 16.87 -18.72
C VAL D 171 -3.40 15.63 -18.05
N ILE D 172 -3.88 15.79 -16.81
CA ILE D 172 -4.59 14.73 -16.04
C ILE D 172 -5.90 15.35 -15.60
N SER D 173 -6.98 15.06 -16.32
CA SER D 173 -8.28 15.55 -15.95
C SER D 173 -8.97 14.53 -15.03
N LEU D 174 -9.35 14.97 -13.84
CA LEU D 174 -9.97 14.09 -12.81
C LEU D 174 -11.31 14.57 -12.39
N PRO D 175 -12.20 13.61 -12.06
CA PRO D 175 -13.54 14.05 -11.67
C PRO D 175 -13.33 14.84 -10.39
N LYS D 176 -13.93 16.02 -10.32
CA LYS D 176 -14.00 16.79 -9.09
C LYS D 176 -14.59 15.93 -7.92
N ASN D 177 -15.67 15.19 -8.21
CA ASN D 177 -16.39 14.35 -7.25
C ASN D 177 -15.63 13.22 -6.48
N ASP D 178 -14.50 12.79 -6.98
CA ASP D 178 -13.78 11.77 -6.31
C ASP D 178 -12.37 12.08 -6.43
N LEU D 179 -12.05 13.38 -6.39
CA LEU D 179 -10.67 13.80 -6.53
C LEU D 179 -9.70 13.17 -5.58
N LEU D 180 -10.03 13.17 -4.28
CA LEU D 180 -9.11 12.71 -3.30
C LEU D 180 -8.79 11.22 -3.47
N GLN D 181 -9.83 10.43 -3.75
CA GLN D 181 -9.67 8.94 -3.88
C GLN D 181 -8.73 8.61 -5.08
N ARG D 182 -8.98 9.33 -6.16
CA ARG D 182 -8.24 9.20 -7.40
C ARG D 182 -6.84 9.60 -7.21
N LEU D 183 -6.55 10.68 -6.46
CA LEU D 183 -5.19 11.00 -6.10
C LEU D 183 -4.55 9.98 -5.30
N ASP D 184 -5.20 9.50 -4.23
CA ASP D 184 -4.59 8.46 -3.38
C ASP D 184 -4.34 7.21 -4.25
N ALA D 185 -5.23 6.92 -5.21
CA ALA D 185 -5.07 5.73 -6.09
C ALA D 185 -3.76 5.86 -6.90
N LEU D 186 -3.63 6.98 -7.65
CA LEU D 186 -2.40 7.28 -8.40
C LEU D 186 -1.16 7.09 -7.56
N VAL D 187 -1.20 7.56 -6.33
CA VAL D 187 -0.07 7.47 -5.42
C VAL D 187 0.22 6.08 -4.88
N ALA D 188 -0.82 5.24 -4.76
CA ALA D 188 -0.51 3.87 -4.33
C ALA D 188 0.17 3.04 -5.46
N GLU D 189 -0.10 3.34 -6.73
CA GLU D 189 0.46 2.52 -7.83
C GLU D 189 1.75 3.08 -8.42
N GLU D 190 1.97 4.39 -8.33
CA GLU D 190 3.04 4.99 -9.11
C GLU D 190 4.13 5.74 -8.37
N HIS D 191 5.23 5.87 -9.07
CA HIS D 191 6.31 6.74 -8.69
C HIS D 191 5.84 8.15 -9.07
N LEU D 192 5.05 8.76 -8.18
CA LEU D 192 4.73 10.17 -8.29
C LEU D 192 4.36 10.74 -6.93
N THR D 193 4.27 12.07 -6.89
CA THR D 193 3.95 12.84 -5.68
C THR D 193 2.87 13.87 -5.99
N VAL D 194 1.97 14.05 -5.03
CA VAL D 194 0.85 14.90 -5.27
C VAL D 194 1.32 16.14 -4.60
N ASP D 195 0.92 17.27 -5.14
CA ASP D 195 1.31 18.52 -4.50
C ASP D 195 0.42 18.76 -3.26
N ALA D 196 0.99 19.37 -2.23
CA ALA D 196 0.25 19.75 -1.00
C ALA D 196 -0.99 20.62 -1.20
N ARG D 197 -0.94 21.57 -2.13
N ARG D 197 -0.94 21.60 -2.12
CA ARG D 197 -2.07 22.44 -2.42
CA ARG D 197 -2.09 22.45 -2.44
C ARG D 197 -3.20 21.69 -3.13
C ARG D 197 -3.21 21.60 -3.04
N VAL D 198 -2.86 20.74 -4.00
CA VAL D 198 -3.87 19.89 -4.69
C VAL D 198 -4.61 18.97 -3.68
N TYR D 199 -3.84 18.43 -2.82
CA TYR D 199 -4.25 17.49 -1.85
C TYR D 199 -5.03 18.20 -0.75
N SER D 200 -4.63 19.42 -0.37
CA SER D 200 -5.46 20.20 0.58
C SER D 200 -6.77 20.47 -0.05
N TYR D 201 -6.75 20.86 -1.34
CA TYR D 201 -7.95 21.10 -2.13
C TYR D 201 -8.89 19.88 -2.17
N ALA D 202 -8.33 18.76 -2.54
CA ALA D 202 -9.05 17.46 -2.55
C ALA D 202 -9.61 17.06 -1.10
N LEU D 203 -8.80 17.16 -0.05
CA LEU D 203 -9.28 17.07 1.36
C LEU D 203 -10.53 17.86 1.66
N ALA D 204 -10.45 19.16 1.33
CA ALA D 204 -11.56 20.07 1.52
C ALA D 204 -12.84 19.74 0.76
N LEU D 205 -12.73 19.14 -0.44
CA LEU D 205 -13.94 18.72 -1.16
C LEU D 205 -14.68 17.64 -0.34
N LYS D 206 -13.94 16.84 0.41
CA LYS D 206 -14.56 15.81 1.23
C LYS D 206 -15.02 16.43 2.52
N HIS D 207 -14.19 17.30 3.10
CA HIS D 207 -14.53 17.93 4.42
C HIS D 207 -15.68 18.91 4.42
N ALA D 208 -15.90 19.55 3.28
CA ALA D 208 -17.00 20.45 3.08
C ALA D 208 -18.36 19.96 3.51
N ASN D 209 -19.14 20.85 4.10
CA ASN D 209 -20.44 20.51 4.73
C ASN D 209 -20.26 19.55 5.90
MG MG E . -6.97 -21.96 -12.89
MG MG F . -6.79 -22.33 -16.17
CL CL G . 7.24 -11.76 13.23
N1 K1J H . -7.06 -37.68 9.04
C4 K1J H . -5.52 -39.31 12.07
C5 K1J H . -6.33 -40.41 12.78
C6 K1J H . -6.75 -38.61 9.95
C7 K1J H . -7.27 -38.33 7.78
C8 K1J H . -7.58 -37.48 6.61
N K1J H . -6.47 -38.40 11.30
C K1J H . -3.74 -39.20 14.00
O K1J H . -5.49 -37.55 13.82
C1 K1J H . -4.64 -38.40 13.03
C2 K1J H . -6.31 -36.65 13.06
C3 K1J H . -7.28 -37.45 12.14
N2 K1J H . -7.15 -39.66 7.72
S K1J H . -6.73 -40.26 9.25
C1 EDO I . -3.78 -29.51 -7.13
O1 EDO I . -4.84 -29.81 -6.19
C2 EDO I . -4.03 -28.12 -7.69
O2 EDO I . -3.96 -27.20 -6.60
C1 EDO J . 1.35 -4.29 4.38
O1 EDO J . 0.30 -4.57 3.46
C2 EDO J . 2.30 -5.47 4.50
O2 EDO J . 3.57 -5.08 3.98
C1 EDO K . 13.38 -11.50 22.46
O1 EDO K . 12.25 -12.37 22.49
C2 EDO K . 14.58 -12.19 23.15
O2 EDO K . 14.87 -13.50 22.58
MG MG L . -0.03 -31.46 12.99
MG MG M . -0.40 -31.78 17.19
N1 K1J N . -12.02 -30.45 -11.07
C4 K1J N . -13.65 -28.73 -14.05
C5 K1J N . -14.49 -29.72 -14.89
C6 K1J N . -12.86 -30.17 -12.09
C7 K1J N . -12.73 -31.14 -10.08
C8 K1J N . -12.00 -31.55 -8.86
N K1J N . -12.53 -29.53 -13.30
C K1J N . -13.55 -27.33 -16.38
O K1J N . -11.72 -27.22 -14.92
C1 K1J N . -13.14 -27.42 -14.88
C2 K1J N . -10.88 -28.34 -14.74
C3 K1J N . -11.14 -28.97 -13.37
N2 K1J N . -14.01 -31.39 -10.26
S K1J N . -14.49 -30.78 -11.75
C1 EDO O . -7.18 -28.56 6.36
O1 EDO O . -7.16 -29.71 5.48
C2 EDO O . -5.90 -28.44 7.15
O2 EDO O . -4.78 -28.18 6.29
C1 EDO P . -11.67 14.06 23.92
O1 EDO P . -10.74 15.15 23.70
C2 EDO P . -11.54 13.01 22.80
O2 EDO P . -10.20 12.53 22.77
MG MG Q . 6.67 23.52 16.22
MG MG R . 5.20 25.34 13.81
MG MG S . 5.18 24.64 -15.66
MG MG T . 5.37 27.04 -16.15
#